data_9VDN
#
_entry.id   9VDN
#
_cell.length_a   1.00
_cell.length_b   1.00
_cell.length_c   1.00
_cell.angle_alpha   90.00
_cell.angle_beta   90.00
_cell.angle_gamma   90.00
#
_symmetry.space_group_name_H-M   'P 1'
#
loop_
_entity.id
_entity.type
_entity.pdbx_description
1 polymer 'Probable phospholipid-transporting ATPase IIA'
2 non-polymer 'MAGNESIUM ION'
3 non-polymer O-[(R)-{[(2R)-2,3-bis(octadecanoyloxy)propyl]oxy}(hydroxy)phosphoryl]-L-serine
4 non-polymer 1,2-DIOLEOYL-SN-GLYCERO-3-PHOSPHOCHOLINE
5 non-polymer CHOLESTEROL
6 non-polymer 'TETRAFLUOROALUMINATE ION'
#
_entity_poly.entity_id   1
_entity_poly.type   'polypeptide(L)'
_entity_poly.pdbx_seq_one_letter_code
;GGEARPRTVWLGHPEKRDQRYPRNVINNQKYNFFTFLPGVLFNQFKYFFNLYFLLLACSQFVPEMRLGALYTYWVPLGFV
LAVTVIREAVEEIRCYVRDKEVNSQVYSRLTARGTVKVKSSNIQVGDLIIVEKNQRVPADMIFLRTSEKNGSCFLRTDQL
DGETDWKLRLPVACTQRLPTAADLLQIRSYVYAEEPNIDIHNFVGTFTREDSDPPISESLSIENTLWAGTVVASGTVVGV
VLYTGRELRSVMNTSNPRSKIGLFDLEVNCLTKILFGALVVVSLVMVALQHFAGRWYLQIIRFLLLFSNIIPISLRVNLD
MGKIVYSWVIRRDSKIPGTVVRSSTIPEQLGRISYLLTDKTGTLTQNEMIFKRLHLGTVAYGLDSMDEVQSHIFSIYTQQ
SQDPPAQKGPTLTTKVRRTMSSRVHEAVKAIALCHNVTPVYESNGVTDQAEAEKQYEDSCRVYQASSPDEVALVQWTESV
GLTLVGRDQSSMQLRTPGDQILNFTILQIFPFTYESKRMGIIVRDESTGEITFYMKGADVVMAGIVQYNDWLEEECGNMA
REGLRVLVVAKKSLAEEQYQDFEARYVQAKLSVHDRSLKVATVIESLEMEMELLCLTGVEDQLQADVRPTLETLRNAGIK
VWMLTGDKLETATCTAKNAHLVTRNQDIHVFRLVTNRGEAHLELNAFRRKHDCALVISGDSLEVCLKYYEYEFMELACQC
PAVVCCRCAPTQKAQIVRLLQERTGKLTCAVGDGGNDVSMIQESDCGVGVEGKEGKQASLAADFSITQFKHLGRLLMVHG
RNSYKRSAALSQFVIHRSLCISTMQAVFSSVFYFASVPLYQGFLIIGYSTIYTMFPVFSLVLDKDVKSEVAMLYPELYKD
LLKGRPLSYKTFLIWVLISIYQGSTIMYGALLLFESEFVHIVAISFTSLILTELLMVALTIQTWHWLMTVAELLSLACYI
ASLVFLHEFIDVYFIATLSFLWKVSVITLVSCLPLYVLKYLRRRFSPPSYSKLTS
;
_entity_poly.pdbx_strand_id   A
#
# COMPACT_ATOMS: atom_id res chain seq x y z
N GLY A 1 23.38 -1.62 15.07
CA GLY A 1 24.50 -2.48 15.37
C GLY A 1 24.84 -2.56 16.85
N GLY A 2 24.71 -1.42 17.53
CA GLY A 2 25.01 -1.36 18.94
C GLY A 2 23.98 -0.53 19.68
N GLU A 3 24.05 -0.59 21.01
CA GLU A 3 23.14 0.15 21.87
C GLU A 3 23.28 1.65 21.61
N ALA A 4 22.16 2.32 21.32
CA ALA A 4 22.20 3.74 21.00
C ALA A 4 22.56 4.57 22.23
N ARG A 5 23.39 5.58 22.01
CA ARG A 5 23.85 6.49 23.04
C ARG A 5 23.60 7.94 22.64
N PRO A 6 23.50 8.84 23.61
CA PRO A 6 23.41 10.27 23.28
C PRO A 6 24.69 10.74 22.60
N ARG A 7 24.54 11.78 21.77
CA ARG A 7 25.65 12.29 20.98
C ARG A 7 25.74 13.80 21.14
N THR A 8 26.97 14.30 21.17
CA THR A 8 27.25 15.74 21.16
C THR A 8 27.70 16.11 19.75
N VAL A 9 26.89 16.92 19.08
CA VAL A 9 27.13 17.29 17.68
C VAL A 9 27.51 18.75 17.64
N TRP A 10 28.73 19.03 17.20
CA TRP A 10 29.19 20.41 17.05
C TRP A 10 28.69 21.00 15.74
N LEU A 11 28.46 22.31 15.74
CA LEU A 11 28.00 23.01 14.55
C LEU A 11 29.16 23.11 13.57
N GLY A 12 28.95 22.66 12.35
CA GLY A 12 30.05 22.42 11.45
C GLY A 12 30.87 21.25 11.97
N HIS A 13 32.09 21.15 11.47
CA HIS A 13 33.06 20.17 11.94
C HIS A 13 32.48 18.75 12.00
N PRO A 14 32.21 18.12 10.87
CA PRO A 14 31.78 16.71 10.91
C PRO A 14 32.95 15.77 11.15
N GLU A 15 33.82 16.13 12.10
CA GLU A 15 34.97 15.32 12.46
C GLU A 15 35.19 15.20 13.97
N LYS A 16 34.62 16.09 14.79
CA LYS A 16 34.75 16.02 16.24
C LYS A 16 33.67 15.06 16.75
N ARG A 17 33.92 13.78 16.54
CA ARG A 17 32.96 12.73 16.85
C ARG A 17 33.64 11.63 17.65
N ASP A 18 32.83 10.87 18.38
CA ASP A 18 33.30 9.74 19.17
C ASP A 18 33.11 8.41 18.45
N GLN A 19 31.89 8.10 18.03
CA GLN A 19 31.61 6.90 17.28
C GLN A 19 31.70 7.17 15.78
N ARG A 20 31.33 6.17 14.99
CA ARG A 20 31.23 6.31 13.55
C ARG A 20 29.76 6.24 13.15
N TYR A 21 29.35 7.14 12.25
CA TYR A 21 27.94 7.17 11.97
C TYR A 21 27.62 6.56 10.61
N PRO A 22 26.43 5.98 10.46
CA PRO A 22 26.09 5.32 9.19
C PRO A 22 25.95 6.32 8.05
N ARG A 23 26.15 5.81 6.83
CA ARG A 23 25.96 6.62 5.64
C ARG A 23 24.50 7.04 5.49
N ASN A 24 24.29 8.26 5.01
CA ASN A 24 22.93 8.79 4.81
C ASN A 24 22.36 8.26 3.49
N VAL A 25 22.07 6.96 3.49
CA VAL A 25 21.60 6.27 2.31
C VAL A 25 20.34 5.50 2.66
N ILE A 26 19.41 5.45 1.71
CA ILE A 26 18.17 4.68 1.85
C ILE A 26 18.30 3.44 0.97
N ASN A 27 18.05 2.27 1.56
CA ASN A 27 18.25 0.99 0.88
C ASN A 27 17.00 0.15 1.02
N ASN A 28 16.51 -0.38 -0.11
CA ASN A 28 15.39 -1.30 -0.13
C ASN A 28 15.79 -2.68 -0.63
N GLN A 29 17.08 -3.01 -0.58
CA GLN A 29 17.60 -4.25 -1.13
C GLN A 29 17.62 -5.34 -0.08
N LYS A 30 17.34 -6.58 -0.52
CA LYS A 30 17.37 -7.72 0.39
C LYS A 30 18.78 -8.17 0.72
N TYR A 31 19.70 -8.11 -0.24
CA TYR A 31 21.05 -8.63 -0.05
C TYR A 31 22.07 -7.60 -0.53
N ASN A 32 23.27 -7.67 0.06
CA ASN A 32 24.42 -6.97 -0.45
C ASN A 32 25.25 -7.93 -1.31
N PHE A 33 26.45 -7.51 -1.70
CA PHE A 33 27.29 -8.35 -2.54
C PHE A 33 27.68 -9.65 -1.84
N PHE A 34 28.01 -9.60 -0.56
CA PHE A 34 28.47 -10.79 0.15
C PHE A 34 27.33 -11.76 0.45
N THR A 35 26.18 -11.22 0.87
CA THR A 35 25.06 -12.07 1.29
C THR A 35 24.16 -12.48 0.15
N PHE A 36 24.46 -12.09 -1.10
CA PHE A 36 23.60 -12.41 -2.23
C PHE A 36 23.48 -13.91 -2.46
N LEU A 37 24.60 -14.57 -2.77
CA LEU A 37 24.54 -15.99 -3.12
C LEU A 37 24.03 -16.87 -1.98
N PRO A 38 24.56 -16.76 -0.73
CA PRO A 38 24.00 -17.59 0.36
C PRO A 38 22.51 -17.35 0.57
N GLY A 39 22.07 -16.10 0.45
CA GLY A 39 20.66 -15.80 0.65
C GLY A 39 19.77 -16.37 -0.43
N VAL A 40 20.22 -16.27 -1.69
CA VAL A 40 19.42 -16.78 -2.81
C VAL A 40 19.37 -18.30 -2.79
N LEU A 41 20.50 -18.95 -2.50
CA LEU A 41 20.53 -20.41 -2.45
C LEU A 41 19.72 -20.97 -1.29
N PHE A 42 19.80 -20.33 -0.12
CA PHE A 42 19.08 -20.84 1.05
C PHE A 42 17.58 -20.62 0.93
N ASN A 43 17.15 -19.49 0.38
CA ASN A 43 15.73 -19.21 0.20
C ASN A 43 15.09 -20.10 -0.86
N GLN A 44 15.90 -20.83 -1.63
CA GLN A 44 15.40 -21.74 -2.65
C GLN A 44 15.38 -23.19 -2.17
N PHE A 45 16.47 -23.66 -1.59
CA PHE A 45 16.62 -25.07 -1.23
C PHE A 45 16.16 -25.37 0.19
N LYS A 46 15.50 -24.43 0.86
CA LYS A 46 14.92 -24.70 2.17
C LYS A 46 13.51 -25.25 2.08
N TYR A 47 12.99 -25.45 0.88
CA TYR A 47 11.67 -26.03 0.65
C TYR A 47 11.83 -27.42 0.08
N PHE A 48 10.92 -28.32 0.47
CA PHE A 48 11.04 -29.72 0.06
C PHE A 48 10.95 -29.87 -1.45
N PHE A 49 10.18 -29.01 -2.13
CA PHE A 49 10.02 -29.13 -3.57
C PHE A 49 11.36 -28.92 -4.29
N ASN A 50 12.13 -27.92 -3.88
CA ASN A 50 13.41 -27.65 -4.53
C ASN A 50 14.51 -28.54 -3.97
N LEU A 51 14.47 -28.85 -2.68
CA LEU A 51 15.51 -29.69 -2.07
C LEU A 51 15.43 -31.12 -2.59
N TYR A 52 14.25 -31.53 -3.06
CA TYR A 52 14.09 -32.90 -3.57
C TYR A 52 14.97 -33.15 -4.79
N PHE A 53 15.05 -32.18 -5.70
CA PHE A 53 15.86 -32.35 -6.90
C PHE A 53 17.35 -32.31 -6.58
N LEU A 54 17.74 -31.59 -5.53
CA LEU A 54 19.16 -31.52 -5.15
C LEU A 54 19.63 -32.81 -4.52
N LEU A 55 18.79 -33.46 -3.71
CA LEU A 55 19.19 -34.70 -3.08
C LEU A 55 19.26 -35.84 -4.08
N LEU A 56 18.42 -35.79 -5.13
CA LEU A 56 18.50 -36.81 -6.18
C LEU A 56 19.84 -36.76 -6.89
N ALA A 57 20.32 -35.56 -7.21
CA ALA A 57 21.58 -35.43 -7.91
C ALA A 57 22.76 -35.82 -7.02
N CYS A 58 22.72 -35.43 -5.74
CA CYS A 58 23.82 -35.75 -4.84
C CYS A 58 23.92 -37.24 -4.58
N SER A 59 22.81 -37.98 -4.68
CA SER A 59 22.84 -39.41 -4.46
C SER A 59 23.62 -40.16 -5.53
N GLN A 60 23.86 -39.52 -6.69
CA GLN A 60 24.51 -40.21 -7.80
C GLN A 60 26.01 -40.37 -7.58
N PHE A 61 26.61 -39.62 -6.64
CA PHE A 61 28.03 -39.79 -6.38
C PHE A 61 28.34 -41.15 -5.77
N VAL A 62 27.37 -41.76 -5.10
CA VAL A 62 27.56 -43.08 -4.49
C VAL A 62 27.49 -44.13 -5.59
N PRO A 63 28.55 -44.90 -5.82
CA PRO A 63 28.54 -45.87 -6.93
C PRO A 63 27.46 -46.94 -6.82
N GLU A 64 27.13 -47.39 -5.61
CA GLU A 64 26.11 -48.43 -5.44
C GLU A 64 24.69 -47.89 -5.53
N MET A 65 24.51 -46.57 -5.48
CA MET A 65 23.21 -45.93 -5.63
C MET A 65 23.12 -45.13 -6.92
N ARG A 66 23.87 -45.53 -7.96
CA ARG A 66 23.97 -44.80 -9.20
C ARG A 66 23.05 -45.43 -10.24
N LEU A 67 22.32 -44.58 -10.97
CA LEU A 67 21.39 -45.05 -11.99
C LEU A 67 21.32 -44.02 -13.10
N GLY A 68 21.64 -44.44 -14.32
CA GLY A 68 21.56 -43.55 -15.46
C GLY A 68 22.78 -42.66 -15.61
N ALA A 69 22.70 -41.78 -16.60
CA ALA A 69 23.77 -40.84 -16.89
C ALA A 69 23.80 -39.73 -15.84
N LEU A 70 24.97 -39.08 -15.75
CA LEU A 70 25.19 -38.04 -14.76
C LEU A 70 24.74 -36.66 -15.21
N TYR A 71 24.52 -36.45 -16.51
CA TYR A 71 24.09 -35.15 -17.01
C TYR A 71 22.58 -35.02 -17.06
N THR A 72 21.85 -36.07 -16.71
CA THR A 72 20.39 -36.02 -16.64
C THR A 72 19.89 -35.60 -15.26
N TYR A 73 20.78 -35.53 -14.26
CA TYR A 73 20.42 -35.07 -12.93
C TYR A 73 20.83 -33.63 -12.65
N TRP A 74 21.79 -33.09 -13.39
CA TRP A 74 22.36 -31.78 -13.10
C TRP A 74 22.03 -30.71 -14.12
N VAL A 75 21.90 -31.06 -15.40
CA VAL A 75 21.54 -30.07 -16.41
C VAL A 75 20.18 -29.44 -16.15
N PRO A 76 19.10 -30.21 -15.89
CA PRO A 76 17.85 -29.56 -15.48
C PRO A 76 17.98 -28.77 -14.18
N LEU A 77 18.78 -29.27 -13.23
CA LEU A 77 19.01 -28.54 -11.99
C LEU A 77 19.79 -27.26 -12.25
N GLY A 78 20.79 -27.31 -13.12
CA GLY A 78 21.56 -26.12 -13.44
C GLY A 78 20.74 -25.06 -14.15
N PHE A 79 19.87 -25.46 -15.07
CA PHE A 79 19.01 -24.51 -15.76
C PHE A 79 18.04 -23.84 -14.79
N VAL A 80 17.46 -24.62 -13.87
CA VAL A 80 16.56 -24.05 -12.88
C VAL A 80 17.31 -23.10 -11.95
N LEU A 81 18.52 -23.48 -11.53
CA LEU A 81 19.33 -22.61 -10.69
C LEU A 81 19.81 -21.37 -11.43
N ALA A 82 20.01 -21.45 -12.74
CA ALA A 82 20.46 -20.32 -13.54
C ALA A 82 19.33 -19.33 -13.83
N VAL A 83 18.08 -19.69 -13.55
CA VAL A 83 16.97 -18.76 -13.68
C VAL A 83 16.66 -18.05 -12.37
N THR A 84 16.74 -18.74 -11.23
CA THR A 84 16.54 -18.09 -9.94
C THR A 84 17.59 -17.03 -9.69
N VAL A 85 18.85 -17.32 -10.03
CA VAL A 85 19.92 -16.35 -9.78
C VAL A 85 19.80 -15.13 -10.69
N ILE A 86 19.52 -15.34 -11.98
CA ILE A 86 19.36 -14.21 -12.89
C ILE A 86 18.13 -13.39 -12.52
N ARG A 87 17.03 -14.06 -12.19
CA ARG A 87 15.81 -13.35 -11.80
C ARG A 87 16.02 -12.53 -10.54
N GLU A 88 16.74 -13.08 -9.56
CA GLU A 88 17.02 -12.35 -8.33
C GLU A 88 18.03 -11.22 -8.54
N ALA A 89 18.97 -11.41 -9.47
CA ALA A 89 19.96 -10.37 -9.73
C ALA A 89 19.33 -9.17 -10.43
N VAL A 90 18.43 -9.42 -11.38
CA VAL A 90 17.77 -8.31 -12.08
C VAL A 90 16.94 -7.48 -11.12
N GLU A 91 16.27 -8.14 -10.18
CA GLU A 91 15.45 -7.43 -9.20
C GLU A 91 16.30 -6.52 -8.31
N GLU A 92 17.48 -7.00 -7.91
CA GLU A 92 18.33 -6.21 -7.02
C GLU A 92 18.94 -5.00 -7.72
N ILE A 93 19.34 -5.16 -8.97
CA ILE A 93 19.98 -4.06 -9.70
C ILE A 93 19.00 -2.92 -9.90
N ARG A 94 17.75 -3.24 -10.23
CA ARG A 94 16.76 -2.19 -10.48
C ARG A 94 16.28 -1.55 -9.18
N CYS A 95 16.28 -2.32 -8.09
CA CYS A 95 16.05 -1.72 -6.78
C CYS A 95 17.17 -0.72 -6.45
N TYR A 96 18.41 -1.08 -6.78
CA TYR A 96 19.52 -0.15 -6.62
C TYR A 96 19.37 1.05 -7.53
N VAL A 97 18.94 0.83 -8.77
CA VAL A 97 18.79 1.92 -9.73
C VAL A 97 17.69 2.89 -9.29
N ARG A 98 16.56 2.36 -8.84
CA ARG A 98 15.46 3.21 -8.39
C ARG A 98 15.75 3.92 -7.08
N ASP A 99 16.73 3.44 -6.30
CA ASP A 99 17.15 4.11 -5.08
C ASP A 99 18.13 5.24 -5.33
N LYS A 100 18.59 5.40 -6.58
CA LYS A 100 19.53 6.44 -6.93
C LYS A 100 18.88 7.79 -7.18
N GLU A 101 17.56 7.82 -7.40
CA GLU A 101 16.89 9.09 -7.61
C GLU A 101 16.78 9.89 -6.32
N VAL A 102 16.47 9.21 -5.21
CA VAL A 102 16.39 9.87 -3.91
C VAL A 102 17.76 10.17 -3.33
N ASN A 103 18.71 9.25 -3.48
CA ASN A 103 20.01 9.38 -2.83
C ASN A 103 20.95 10.35 -3.54
N SER A 104 20.65 10.74 -4.77
CA SER A 104 21.52 11.62 -5.54
C SER A 104 20.98 13.04 -5.65
N GLN A 105 19.93 13.39 -4.91
CA GLN A 105 19.43 14.76 -4.92
C GLN A 105 20.48 15.70 -4.36
N VAL A 106 20.57 16.89 -4.96
CA VAL A 106 21.63 17.85 -4.69
C VAL A 106 21.09 18.91 -3.75
N TYR A 107 21.85 19.18 -2.67
CA TYR A 107 21.53 20.19 -1.70
C TYR A 107 22.70 21.16 -1.60
N SER A 108 22.62 22.09 -0.64
CA SER A 108 23.67 23.06 -0.41
C SER A 108 24.22 22.91 1.01
N ARG A 109 25.52 23.16 1.15
CA ARG A 109 26.21 22.97 2.42
C ARG A 109 27.03 24.23 2.72
N LEU A 110 26.90 24.74 3.94
CA LEU A 110 27.64 25.91 4.38
C LEU A 110 29.04 25.50 4.80
N THR A 111 30.04 25.93 4.06
CA THR A 111 31.44 25.67 4.38
C THR A 111 32.15 26.97 4.72
N ALA A 112 33.38 26.84 5.23
CA ALA A 112 34.15 28.01 5.65
C ALA A 112 34.51 28.92 4.48
N ARG A 113 34.53 28.41 3.25
CA ARG A 113 34.82 29.23 2.08
C ARG A 113 33.58 29.67 1.32
N GLY A 114 32.39 29.22 1.74
CA GLY A 114 31.15 29.54 1.07
C GLY A 114 30.31 28.31 0.85
N THR A 115 29.16 28.51 0.24
CA THR A 115 28.24 27.42 -0.02
C THR A 115 28.74 26.54 -1.15
N VAL A 116 28.74 25.23 -0.92
CA VAL A 116 29.08 24.24 -1.93
C VAL A 116 27.94 23.23 -2.01
N LYS A 117 27.91 22.49 -3.13
CA LYS A 117 26.84 21.55 -3.41
C LYS A 117 27.23 20.16 -2.93
N VAL A 118 26.27 19.47 -2.31
CA VAL A 118 26.48 18.14 -1.76
C VAL A 118 25.33 17.25 -2.19
N LYS A 119 25.60 15.95 -2.30
CA LYS A 119 24.58 14.95 -2.58
C LYS A 119 23.99 14.44 -1.29
N SER A 120 22.77 13.90 -1.38
CA SER A 120 22.04 13.42 -0.20
C SER A 120 22.80 12.31 0.50
N SER A 121 23.40 11.40 -0.26
CA SER A 121 24.11 10.27 0.35
C SER A 121 25.42 10.69 1.01
N ASN A 122 25.95 11.87 0.68
CA ASN A 122 27.22 12.32 1.22
C ASN A 122 27.05 13.26 2.42
N ILE A 123 25.82 13.46 2.90
CA ILE A 123 25.58 14.33 4.03
C ILE A 123 26.03 13.63 5.32
N GLN A 124 26.73 14.38 6.17
CA GLN A 124 27.32 13.84 7.39
C GLN A 124 26.71 14.52 8.60
N VAL A 125 26.85 13.85 9.76
CA VAL A 125 26.40 14.44 11.02
C VAL A 125 27.28 15.63 11.35
N GLY A 126 26.65 16.77 11.66
CA GLY A 126 27.34 18.01 11.94
C GLY A 126 27.37 18.97 10.77
N ASP A 127 26.94 18.54 9.58
CA ASP A 127 26.89 19.42 8.43
C ASP A 127 25.80 20.47 8.58
N LEU A 128 26.02 21.64 7.98
CA LEU A 128 25.03 22.72 7.97
C LEU A 128 24.42 22.76 6.57
N ILE A 129 23.20 22.25 6.44
CA ILE A 129 22.55 22.04 5.16
C ILE A 129 21.48 23.09 4.94
N ILE A 130 21.38 23.58 3.71
CA ILE A 130 20.35 24.54 3.32
C ILE A 130 19.27 23.80 2.54
N VAL A 131 18.03 23.91 3.01
CA VAL A 131 16.87 23.31 2.36
C VAL A 131 15.95 24.44 1.91
N GLU A 132 15.53 24.40 0.65
CA GLU A 132 14.76 25.47 0.05
C GLU A 132 13.28 25.14 0.06
N LYS A 133 12.47 26.06 -0.46
CA LYS A 133 11.02 25.92 -0.48
C LYS A 133 10.61 24.77 -1.38
N ASN A 134 9.60 24.02 -0.94
CA ASN A 134 9.05 22.86 -1.62
C ASN A 134 10.08 21.75 -1.84
N GLN A 135 11.11 21.69 -1.01
CA GLN A 135 12.13 20.67 -1.11
C GLN A 135 12.03 19.70 0.06
N ARG A 136 12.42 18.46 -0.19
CA ARG A 136 12.44 17.42 0.83
C ARG A 136 13.64 17.61 1.75
N VAL A 137 13.45 17.27 3.02
CA VAL A 137 14.51 17.34 4.02
C VAL A 137 15.33 16.05 3.94
N PRO A 138 16.64 16.14 3.71
CA PRO A 138 17.42 14.92 3.42
C PRO A 138 17.79 14.12 4.65
N ALA A 139 17.91 14.76 5.82
CA ALA A 139 18.28 14.07 7.06
C ALA A 139 17.63 14.79 8.22
N ASP A 140 17.73 14.19 9.40
CA ASP A 140 17.17 14.78 10.62
C ASP A 140 18.03 15.96 11.04
N MET A 141 17.38 17.10 11.29
CA MET A 141 18.09 18.36 11.48
C MET A 141 17.45 19.16 12.60
N ILE A 142 18.19 20.16 13.08
CA ILE A 142 17.71 21.13 14.06
C ILE A 142 17.57 22.47 13.36
N PHE A 143 16.37 23.05 13.41
CA PHE A 143 16.11 24.33 12.78
C PHE A 143 16.97 25.42 13.42
N LEU A 144 17.86 26.01 12.62
CA LEU A 144 18.80 27.02 13.10
C LEU A 144 18.44 28.43 12.63
N ARG A 145 18.19 28.61 11.34
CA ARG A 145 18.04 29.94 10.77
C ARG A 145 17.08 29.89 9.60
N THR A 146 16.28 30.95 9.44
CA THR A 146 15.36 31.09 8.33
C THR A 146 15.55 32.46 7.67
N SER A 147 15.23 32.53 6.38
CA SER A 147 15.40 33.77 5.63
C SER A 147 14.23 34.73 5.80
N GLU A 148 13.10 34.27 6.33
CA GLU A 148 11.95 35.13 6.51
C GLU A 148 12.09 35.98 7.76
N LYS A 149 11.40 37.13 7.76
CA LYS A 149 11.43 38.04 8.89
C LYS A 149 10.40 37.71 9.96
N ASN A 150 9.48 36.78 9.69
CA ASN A 150 8.53 36.35 10.71
C ASN A 150 9.17 35.37 11.69
N GLY A 151 10.34 34.82 11.36
CA GLY A 151 11.09 34.01 12.30
C GLY A 151 10.56 32.61 12.51
N SER A 152 9.84 32.05 11.54
CA SER A 152 9.33 30.69 11.65
C SER A 152 9.11 30.13 10.26
N CYS A 153 8.66 28.88 10.21
CA CYS A 153 8.39 28.19 8.95
C CYS A 153 7.31 27.15 9.18
N PHE A 154 6.71 26.71 8.06
CA PHE A 154 5.69 25.68 8.08
C PHE A 154 6.23 24.42 7.41
N LEU A 155 5.87 23.27 7.97
CA LEU A 155 6.34 21.98 7.48
C LEU A 155 5.16 21.12 7.08
N ARG A 156 5.28 20.43 5.94
CA ARG A 156 4.32 19.40 5.55
C ARG A 156 4.88 18.05 5.95
N THR A 157 4.12 17.30 6.74
CA THR A 157 4.58 16.05 7.32
C THR A 157 3.69 14.87 6.92
N ASP A 158 2.95 15.00 5.81
CA ASP A 158 2.04 13.95 5.40
C ASP A 158 2.75 12.67 4.97
N GLN A 159 4.01 12.74 4.55
CA GLN A 159 4.79 11.57 4.18
C GLN A 159 5.52 10.96 5.36
N LEU A 160 5.43 11.56 6.53
CA LEU A 160 6.06 11.05 7.74
C LEU A 160 5.08 10.52 8.76
N ASP A 161 3.94 11.18 8.95
CA ASP A 161 2.93 10.69 9.88
C ASP A 161 1.51 10.73 9.33
N GLY A 162 1.30 11.15 8.08
CA GLY A 162 -0.02 11.11 7.49
C GLY A 162 -0.98 12.19 7.96
N GLU A 163 -0.48 13.28 8.50
CA GLU A 163 -1.32 14.36 9.01
C GLU A 163 -1.43 15.47 7.97
N THR A 164 -2.65 15.98 7.79
CA THR A 164 -2.90 17.01 6.79
C THR A 164 -2.58 18.41 7.28
N ASP A 165 -2.39 18.60 8.59
CA ASP A 165 -2.10 19.91 9.14
C ASP A 165 -0.64 20.27 8.93
N TRP A 166 -0.37 21.56 8.72
CA TRP A 166 0.99 22.04 8.63
C TRP A 166 1.54 22.35 10.01
N LYS A 167 2.82 22.06 10.21
CA LYS A 167 3.47 22.22 11.50
C LYS A 167 4.34 23.46 11.51
N LEU A 168 4.14 24.31 12.50
CA LEU A 168 4.91 25.54 12.64
C LEU A 168 6.14 25.26 13.49
N ARG A 169 7.32 25.59 12.95
CA ARG A 169 8.59 25.33 13.61
C ARG A 169 9.34 26.64 13.83
N LEU A 170 10.10 26.71 14.92
CA LEU A 170 10.86 27.92 15.22
C LEU A 170 12.34 27.62 15.36
N PRO A 171 13.21 28.53 14.94
CA PRO A 171 14.64 28.30 15.02
C PRO A 171 15.18 28.51 16.44
N VAL A 172 16.45 28.11 16.62
CA VAL A 172 17.15 28.44 17.84
C VAL A 172 17.33 29.95 17.94
N ALA A 173 17.09 30.50 19.13
CA ALA A 173 17.06 31.94 19.30
C ALA A 173 18.39 32.60 18.98
N CYS A 174 19.51 32.00 19.40
CA CYS A 174 20.81 32.62 19.17
C CYS A 174 21.15 32.65 17.68
N THR A 175 20.98 31.51 16.99
CA THR A 175 21.37 31.43 15.59
C THR A 175 20.48 32.28 14.69
N GLN A 176 19.24 32.54 15.10
CA GLN A 176 18.34 33.36 14.28
C GLN A 176 18.70 34.84 14.34
N ARG A 177 19.31 35.29 15.45
CA ARG A 177 19.65 36.70 15.62
C ARG A 177 21.01 37.07 15.07
N LEU A 178 21.80 36.10 14.60
CA LEU A 178 23.10 36.42 14.05
C LEU A 178 22.94 37.19 12.74
N PRO A 179 23.84 38.13 12.45
CA PRO A 179 23.67 38.97 11.26
C PRO A 179 23.77 38.21 9.95
N THR A 180 24.56 37.14 9.89
CA THR A 180 24.86 36.48 8.63
C THR A 180 24.83 34.97 8.83
N ALA A 181 24.42 34.26 7.78
CA ALA A 181 24.37 32.80 7.83
C ALA A 181 25.76 32.18 8.05
N ALA A 182 26.81 32.79 7.47
CA ALA A 182 28.15 32.28 7.66
C ALA A 182 28.65 32.46 9.09
N ASP A 183 27.94 33.25 9.90
CA ASP A 183 28.34 33.45 11.29
C ASP A 183 28.16 32.19 12.13
N LEU A 184 27.36 31.23 11.67
CA LEU A 184 27.20 29.96 12.38
C LEU A 184 28.48 29.15 12.41
N LEU A 185 29.43 29.43 11.53
CA LEU A 185 30.68 28.67 11.46
C LEU A 185 31.76 29.22 12.35
N GLN A 186 31.63 30.46 12.83
CA GLN A 186 32.66 31.12 13.62
C GLN A 186 32.30 31.17 15.10
N ILE A 187 31.34 30.34 15.52
CA ILE A 187 30.96 30.24 16.92
C ILE A 187 31.17 28.80 17.38
N ARG A 188 31.50 28.65 18.66
CA ARG A 188 31.75 27.35 19.26
C ARG A 188 30.47 26.88 19.93
N SER A 189 29.66 26.13 19.18
CA SER A 189 28.39 25.62 19.67
C SER A 189 28.28 24.14 19.35
N TYR A 190 27.53 23.44 20.20
CA TYR A 190 27.22 22.03 19.98
C TYR A 190 25.77 21.79 20.38
N VAL A 191 25.22 20.69 19.88
CA VAL A 191 23.87 20.26 20.22
C VAL A 191 23.97 18.90 20.89
N TYR A 192 23.44 18.79 22.09
CA TYR A 192 23.37 17.53 22.82
C TYR A 192 22.01 16.90 22.57
N ALA A 193 22.00 15.70 21.99
CA ALA A 193 20.76 15.07 21.55
C ALA A 193 20.64 13.68 22.15
N GLU A 194 19.39 13.25 22.34
CA GLU A 194 19.11 11.93 22.86
C GLU A 194 19.49 10.85 21.84
N GLU A 195 19.52 9.61 22.31
CA GLU A 195 19.84 8.50 21.43
C GLU A 195 18.72 8.32 20.41
N PRO A 196 19.04 7.80 19.22
CA PRO A 196 17.99 7.58 18.22
C PRO A 196 16.93 6.60 18.72
N ASN A 197 15.68 6.90 18.43
CA ASN A 197 14.56 6.06 18.83
C ASN A 197 13.50 6.09 17.75
N ILE A 198 12.33 5.55 18.08
CA ILE A 198 11.25 5.41 17.10
C ILE A 198 10.22 6.54 17.19
N ASP A 199 10.18 7.28 18.30
CA ASP A 199 9.16 8.30 18.50
C ASP A 199 9.36 9.45 17.53
N ILE A 200 8.32 9.78 16.78
CA ILE A 200 8.38 10.81 15.75
C ILE A 200 7.98 12.19 16.28
N HIS A 201 7.10 12.25 17.29
CA HIS A 201 6.55 13.51 17.76
C HIS A 201 7.15 13.95 19.09
N ASN A 202 8.35 13.48 19.43
CA ASN A 202 8.99 13.86 20.68
C ASN A 202 10.50 13.94 20.48
N PHE A 203 11.11 14.97 21.06
CA PHE A 203 12.54 15.17 21.00
C PHE A 203 13.00 15.89 22.25
N VAL A 204 14.14 15.47 22.79
CA VAL A 204 14.78 16.11 23.94
C VAL A 204 16.22 16.44 23.56
N GLY A 205 16.61 17.69 23.72
CA GLY A 205 17.95 18.10 23.37
C GLY A 205 18.31 19.43 24.01
N THR A 206 19.58 19.80 23.86
CA THR A 206 20.09 21.05 24.41
C THR A 206 21.03 21.70 23.41
N PHE A 207 20.90 23.01 23.27
CA PHE A 207 21.82 23.81 22.47
C PHE A 207 22.68 24.66 23.38
N THR A 208 23.99 24.63 23.16
CA THR A 208 24.93 25.35 24.02
C THR A 208 25.90 26.13 23.15
N ARG A 209 26.07 27.42 23.45
CA ARG A 209 27.06 28.25 22.77
C ARG A 209 28.14 28.63 23.77
N GLU A 210 29.35 28.10 23.56
CA GLU A 210 30.46 28.34 24.48
C GLU A 210 31.07 29.72 24.29
N ASP A 211 31.01 30.25 23.08
CA ASP A 211 31.75 31.47 22.73
C ASP A 211 31.27 32.66 23.55
N SER A 212 29.95 32.83 23.69
CA SER A 212 29.40 34.00 24.35
C SER A 212 29.89 34.11 25.79
N ASP A 213 30.15 35.34 26.23
CA ASP A 213 30.70 35.57 27.56
C ASP A 213 29.74 35.01 28.62
N PRO A 214 28.44 35.29 28.56
CA PRO A 214 27.49 34.46 29.29
C PRO A 214 27.11 33.24 28.47
N PRO A 215 27.50 32.04 28.90
CA PRO A 215 27.13 30.83 28.15
C PRO A 215 25.61 30.71 28.06
N ILE A 216 25.14 30.29 26.89
CA ILE A 216 23.72 30.21 26.59
C ILE A 216 23.35 28.75 26.39
N SER A 217 22.30 28.31 27.09
CA SER A 217 21.79 26.94 26.95
C SER A 217 20.29 27.03 26.68
N GLU A 218 19.86 26.40 25.59
CA GLU A 218 18.45 26.34 25.22
C GLU A 218 17.97 24.91 25.24
N SER A 219 16.76 24.70 25.75
CA SER A 219 16.11 23.40 25.67
C SER A 219 15.40 23.26 24.34
N LEU A 220 15.63 22.13 23.67
CA LEU A 220 15.05 21.87 22.35
C LEU A 220 13.96 20.82 22.46
N SER A 221 12.94 20.97 21.62
CA SER A 221 11.82 20.05 21.57
C SER A 221 11.51 19.76 20.11
N ILE A 222 10.36 19.12 19.86
CA ILE A 222 9.95 18.81 18.50
C ILE A 222 9.68 20.09 17.69
N GLU A 223 9.51 21.22 18.37
CA GLU A 223 9.25 22.48 17.69
C GLU A 223 10.48 23.01 16.96
N ASN A 224 11.67 22.50 17.28
CA ASN A 224 12.91 22.97 16.68
C ASN A 224 13.51 21.97 15.70
N THR A 225 12.83 20.87 15.43
CA THR A 225 13.40 19.78 14.63
C THR A 225 12.82 19.79 13.23
N LEU A 226 13.60 19.30 12.27
CA LEU A 226 13.15 19.07 10.89
C LEU A 226 13.54 17.64 10.54
N TRP A 227 12.58 16.72 10.66
CA TRP A 227 12.85 15.32 10.38
C TRP A 227 12.95 15.09 8.88
N ALA A 228 13.69 14.06 8.50
CA ALA A 228 13.81 13.68 7.09
C ALA A 228 12.47 13.17 6.57
N GLY A 229 12.19 13.44 5.30
CA GLY A 229 10.93 13.08 4.70
C GLY A 229 9.86 14.14 4.76
N THR A 230 10.11 15.24 5.46
CA THR A 230 9.20 16.38 5.49
C THR A 230 9.59 17.37 4.40
N VAL A 231 8.67 18.29 4.11
CA VAL A 231 8.83 19.26 3.03
C VAL A 231 8.72 20.66 3.60
N VAL A 232 9.71 21.50 3.29
CA VAL A 232 9.66 22.90 3.70
C VAL A 232 8.65 23.63 2.83
N ALA A 233 7.73 24.35 3.46
CA ALA A 233 6.66 25.01 2.73
C ALA A 233 6.96 26.47 2.41
N SER A 234 7.77 27.15 3.21
CA SER A 234 8.02 28.57 3.04
C SER A 234 9.49 28.88 3.26
N GLY A 235 10.11 29.52 2.28
CA GLY A 235 11.46 30.03 2.43
C GLY A 235 12.54 28.98 2.55
N THR A 236 13.80 29.43 2.56
CA THR A 236 14.94 28.55 2.74
C THR A 236 15.38 28.55 4.20
N VAL A 237 15.77 27.37 4.70
CA VAL A 237 16.13 27.19 6.09
C VAL A 237 17.52 26.58 6.19
N VAL A 238 18.16 26.79 7.33
CA VAL A 238 19.47 26.24 7.63
C VAL A 238 19.36 25.37 8.87
N GLY A 239 19.95 24.18 8.81
CA GLY A 239 19.90 23.27 9.94
C GLY A 239 21.20 22.49 10.08
N VAL A 240 21.35 21.86 11.23
CA VAL A 240 22.50 21.01 11.55
C VAL A 240 22.01 19.58 11.68
N VAL A 241 22.74 18.66 11.04
CA VAL A 241 22.32 17.26 10.96
C VAL A 241 22.67 16.55 12.25
N LEU A 242 21.72 15.78 12.78
CA LEU A 242 21.92 14.95 13.96
C LEU A 242 21.98 13.47 13.65
N TYR A 243 21.10 12.97 12.79
CA TYR A 243 21.00 11.55 12.48
C TYR A 243 21.00 11.35 10.97
N THR A 244 21.65 10.27 10.54
CA THR A 244 21.75 9.94 9.12
C THR A 244 21.50 8.44 8.92
N GLY A 245 20.94 8.12 7.76
CA GLY A 245 20.84 6.73 7.33
C GLY A 245 19.83 5.89 8.06
N ARG A 246 20.29 4.80 8.68
CA ARG A 246 19.41 3.88 9.39
C ARG A 246 18.98 4.39 10.75
N GLU A 247 19.55 5.51 11.21
CA GLU A 247 19.13 6.14 12.46
C GLU A 247 18.12 7.25 12.25
N LEU A 248 17.67 7.46 11.01
CA LEU A 248 16.61 8.42 10.75
C LEU A 248 15.30 7.95 11.35
N ARG A 249 14.46 8.91 11.74
CA ARG A 249 13.17 8.56 12.34
C ARG A 249 12.28 7.79 11.38
N SER A 250 12.28 8.18 10.10
CA SER A 250 11.50 7.44 9.11
C SER A 250 12.05 6.04 8.92
N VAL A 251 13.38 5.91 8.80
CA VAL A 251 13.98 4.61 8.57
C VAL A 251 13.86 3.70 9.78
N MET A 252 14.00 4.26 10.99
CA MET A 252 13.85 3.48 12.21
C MET A 252 12.43 2.95 12.40
N ASN A 253 11.45 3.49 11.68
CA ASN A 253 10.08 3.00 11.73
C ASN A 253 9.78 2.01 10.62
N THR A 254 10.81 1.55 9.91
CA THR A 254 10.70 0.65 8.77
C THR A 254 11.44 -0.64 9.07
N SER A 255 10.89 -1.77 8.62
CA SER A 255 11.48 -3.08 8.83
C SER A 255 12.41 -3.40 7.66
N ASN A 256 13.17 -4.48 7.80
CA ASN A 256 14.11 -4.87 6.76
C ASN A 256 13.37 -5.59 5.63
N PRO A 257 13.80 -5.40 4.39
CA PRO A 257 13.16 -6.11 3.27
C PRO A 257 13.33 -7.62 3.40
N ARG A 258 12.30 -8.35 2.98
CA ARG A 258 12.26 -9.79 3.08
C ARG A 258 11.81 -10.39 1.76
N SER A 259 12.10 -11.67 1.58
CA SER A 259 11.64 -12.42 0.43
C SER A 259 10.33 -13.11 0.76
N LYS A 260 9.30 -12.85 -0.05
CA LYS A 260 7.96 -13.36 0.20
C LYS A 260 7.68 -14.57 -0.67
N ILE A 261 6.91 -15.50 -0.12
CA ILE A 261 6.43 -16.68 -0.85
C ILE A 261 4.92 -16.66 -0.83
N GLY A 262 4.32 -17.02 -1.96
CA GLY A 262 2.88 -17.01 -2.07
C GLY A 262 2.22 -18.22 -1.44
N LEU A 263 0.93 -18.06 -1.13
CA LEU A 263 0.16 -19.17 -0.59
C LEU A 263 -0.03 -20.28 -1.61
N PHE A 264 -0.09 -19.92 -2.90
CA PHE A 264 -0.19 -20.93 -3.95
C PHE A 264 1.06 -21.82 -3.97
N ASP A 265 2.24 -21.21 -3.82
CA ASP A 265 3.47 -21.99 -3.82
C ASP A 265 3.57 -22.87 -2.59
N LEU A 266 3.01 -22.43 -1.46
CA LEU A 266 3.00 -23.26 -0.26
C LEU A 266 2.06 -24.46 -0.38
N GLU A 267 1.10 -24.41 -1.30
CA GLU A 267 0.18 -25.52 -1.50
C GLU A 267 0.69 -26.53 -2.52
N VAL A 268 1.44 -26.07 -3.53
CA VAL A 268 2.12 -27.00 -4.43
C VAL A 268 3.21 -27.75 -3.69
N ASN A 269 3.90 -27.07 -2.77
CA ASN A 269 4.91 -27.72 -1.95
C ASN A 269 4.31 -28.83 -1.09
N CYS A 270 3.09 -28.61 -0.58
CA CYS A 270 2.42 -29.62 0.22
C CYS A 270 2.00 -30.82 -0.61
N LEU A 271 1.63 -30.61 -1.88
CA LEU A 271 1.25 -31.72 -2.74
C LEU A 271 2.44 -32.61 -3.10
N THR A 272 3.64 -32.03 -3.20
CA THR A 272 4.82 -32.83 -3.52
C THR A 272 5.20 -33.76 -2.38
N LYS A 273 4.94 -33.37 -1.13
CA LYS A 273 5.17 -34.28 -0.02
C LYS A 273 4.19 -35.45 -0.03
N ILE A 274 2.93 -35.19 -0.40
CA ILE A 274 1.97 -36.27 -0.51
C ILE A 274 2.37 -37.23 -1.62
N LEU A 275 2.81 -36.69 -2.76
CA LEU A 275 3.27 -37.53 -3.86
C LEU A 275 4.50 -38.34 -3.46
N PHE A 276 5.45 -37.72 -2.76
CA PHE A 276 6.62 -38.44 -2.29
C PHE A 276 6.25 -39.45 -1.22
N GLY A 277 5.30 -39.09 -0.33
CA GLY A 277 4.87 -40.02 0.69
C GLY A 277 4.19 -41.25 0.12
N ALA A 278 3.40 -41.08 -0.93
CA ALA A 278 2.76 -42.22 -1.59
C ALA A 278 3.81 -43.14 -2.22
N LEU A 279 4.84 -42.55 -2.84
CA LEU A 279 5.88 -43.34 -3.47
C LEU A 279 6.67 -44.15 -2.45
N VAL A 280 6.95 -43.55 -1.29
CA VAL A 280 7.69 -44.26 -0.24
C VAL A 280 6.84 -45.40 0.33
N VAL A 281 5.54 -45.17 0.53
CA VAL A 281 4.68 -46.21 1.05
C VAL A 281 4.67 -47.42 0.12
N VAL A 282 4.65 -47.17 -1.19
CA VAL A 282 4.71 -48.26 -2.16
C VAL A 282 6.03 -49.01 -2.04
N SER A 283 7.14 -48.27 -1.91
CA SER A 283 8.45 -48.90 -1.79
C SER A 283 8.55 -49.75 -0.54
N LEU A 284 8.08 -49.22 0.59
CA LEU A 284 8.14 -49.97 1.84
C LEU A 284 7.25 -51.20 1.80
N VAL A 285 6.07 -51.07 1.18
CA VAL A 285 5.17 -52.22 1.05
C VAL A 285 5.73 -53.23 0.07
N MET A 286 6.29 -52.76 -1.05
CA MET A 286 6.84 -53.67 -2.05
C MET A 286 7.99 -54.52 -1.54
N VAL A 287 8.79 -54.00 -0.59
CA VAL A 287 9.86 -54.80 0.00
C VAL A 287 9.32 -55.79 1.02
N ALA A 288 8.11 -55.59 1.53
CA ALA A 288 7.48 -56.58 2.40
C ALA A 288 6.90 -57.74 1.60
N LEU A 289 6.74 -57.58 0.29
CA LEU A 289 6.28 -58.68 -0.56
C LEU A 289 7.29 -59.82 -0.56
N GLN A 290 8.58 -59.50 -0.54
CA GLN A 290 9.64 -60.49 -0.50
C GLN A 290 10.00 -60.92 0.92
N HIS A 291 9.35 -60.34 1.93
CA HIS A 291 9.66 -60.59 3.34
C HIS A 291 11.13 -60.28 3.66
N PHE A 292 11.71 -59.35 2.89
CA PHE A 292 13.09 -58.90 3.04
C PHE A 292 14.05 -59.98 2.56
N ALA A 293 15.03 -59.60 1.73
CA ALA A 293 15.93 -60.57 1.11
C ALA A 293 17.39 -60.16 1.19
N GLY A 294 17.75 -59.23 2.08
CA GLY A 294 19.14 -58.82 2.20
C GLY A 294 19.45 -57.60 1.35
N ARG A 295 20.12 -56.62 1.96
CA ARG A 295 20.39 -55.33 1.31
C ARG A 295 19.09 -54.72 0.79
N TRP A 296 18.03 -54.82 1.61
CA TRP A 296 16.72 -54.30 1.21
C TRP A 296 16.77 -52.80 0.96
N TYR A 297 17.66 -52.08 1.64
CA TYR A 297 17.76 -50.64 1.43
C TYR A 297 18.24 -50.30 0.03
N LEU A 298 19.14 -51.10 -0.56
CA LEU A 298 19.58 -50.85 -1.92
C LEU A 298 18.45 -50.92 -2.93
N GLN A 299 17.36 -51.63 -2.62
CA GLN A 299 16.24 -51.71 -3.55
C GLN A 299 15.26 -50.56 -3.40
N ILE A 300 15.13 -50.00 -2.19
CA ILE A 300 14.19 -48.90 -1.98
C ILE A 300 14.66 -47.64 -2.69
N ILE A 301 15.93 -47.27 -2.51
CA ILE A 301 16.47 -46.10 -3.20
C ILE A 301 16.49 -46.32 -4.71
N ARG A 302 16.84 -47.53 -5.16
CA ARG A 302 16.79 -47.82 -6.58
C ARG A 302 15.36 -47.70 -7.11
N PHE A 303 14.38 -48.19 -6.36
CA PHE A 303 12.98 -48.01 -6.73
C PHE A 303 12.60 -46.53 -6.68
N LEU A 304 13.06 -45.82 -5.66
CA LEU A 304 12.78 -44.39 -5.55
C LEU A 304 13.42 -43.61 -6.71
N LEU A 305 14.65 -43.97 -7.07
CA LEU A 305 15.32 -43.29 -8.17
C LEU A 305 14.64 -43.58 -9.51
N LEU A 306 14.22 -44.83 -9.71
CA LEU A 306 13.62 -45.20 -10.99
C LEU A 306 12.27 -44.53 -11.20
N PHE A 307 11.47 -44.39 -10.13
CA PHE A 307 10.19 -43.70 -10.18
C PHE A 307 10.28 -42.29 -9.64
N SER A 308 11.45 -41.65 -9.74
CA SER A 308 11.64 -40.32 -9.19
C SER A 308 10.92 -39.23 -9.97
N ASN A 309 10.47 -39.54 -11.19
CA ASN A 309 9.78 -38.57 -12.02
C ASN A 309 8.31 -38.41 -11.66
N ILE A 310 7.89 -38.94 -10.51
CA ILE A 310 6.56 -38.63 -10.01
C ILE A 310 6.45 -37.15 -9.67
N ILE A 311 7.57 -36.52 -9.33
CA ILE A 311 7.66 -35.08 -9.17
C ILE A 311 8.53 -34.55 -10.30
N PRO A 312 7.93 -34.04 -11.37
CA PRO A 312 8.73 -33.63 -12.53
C PRO A 312 9.43 -32.29 -12.32
N ILE A 313 10.55 -32.13 -13.01
CA ILE A 313 11.30 -30.88 -12.97
C ILE A 313 10.55 -29.84 -13.80
N SER A 314 9.63 -30.31 -14.65
CA SER A 314 8.81 -29.41 -15.44
C SER A 314 7.77 -28.66 -14.60
N LEU A 315 7.46 -29.15 -13.41
CA LEU A 315 6.60 -28.39 -12.50
C LEU A 315 7.28 -27.10 -12.06
N ARG A 316 8.57 -27.17 -11.73
CA ARG A 316 9.32 -25.97 -11.37
C ARG A 316 9.49 -25.06 -12.58
N VAL A 317 9.80 -25.64 -13.75
CA VAL A 317 10.08 -24.83 -14.93
C VAL A 317 8.82 -24.15 -15.42
N ASN A 318 7.72 -24.90 -15.52
CA ASN A 318 6.48 -24.32 -16.05
C ASN A 318 5.96 -23.20 -15.16
N LEU A 319 6.03 -23.39 -13.83
CA LEU A 319 5.59 -22.35 -12.91
C LEU A 319 6.47 -21.11 -13.02
N ASP A 320 7.79 -21.30 -13.19
CA ASP A 320 8.69 -20.16 -13.29
C ASP A 320 8.43 -19.35 -14.56
N MET A 321 8.27 -20.02 -15.70
CA MET A 321 7.97 -19.30 -16.94
C MET A 321 6.56 -18.74 -16.95
N GLY A 322 5.64 -19.38 -16.23
CA GLY A 322 4.28 -18.85 -16.12
C GLY A 322 4.24 -17.51 -15.42
N LYS A 323 4.94 -17.40 -14.29
CA LYS A 323 4.99 -16.14 -13.55
C LYS A 323 5.68 -15.05 -14.36
N ILE A 324 6.58 -15.42 -15.27
CA ILE A 324 7.19 -14.44 -16.15
C ILE A 324 6.16 -13.86 -17.12
N VAL A 325 5.22 -14.69 -17.59
CA VAL A 325 4.19 -14.19 -18.49
C VAL A 325 3.21 -13.27 -17.75
N TYR A 326 2.85 -13.61 -16.51
CA TYR A 326 1.90 -12.80 -15.76
C TYR A 326 2.42 -11.38 -15.52
N SER A 327 3.68 -11.26 -15.12
CA SER A 327 4.25 -9.94 -14.87
C SER A 327 4.43 -9.15 -16.16
N TRP A 328 4.65 -9.85 -17.28
CA TRP A 328 4.68 -9.17 -18.58
C TRP A 328 3.34 -8.55 -18.90
N VAL A 329 2.24 -9.27 -18.64
CA VAL A 329 0.92 -8.76 -18.97
C VAL A 329 0.55 -7.57 -18.09
N ILE A 330 0.90 -7.63 -16.80
CA ILE A 330 0.58 -6.54 -15.90
C ILE A 330 1.35 -5.27 -16.27
N ARG A 331 2.62 -5.39 -16.64
CA ARG A 331 3.44 -4.24 -17.00
C ARG A 331 3.03 -3.61 -18.32
N ARG A 332 2.17 -4.27 -19.10
CA ARG A 332 1.79 -3.79 -20.41
C ARG A 332 0.31 -3.47 -20.54
N ASP A 333 -0.47 -3.61 -19.47
CA ASP A 333 -1.90 -3.31 -19.53
C ASP A 333 -2.10 -1.80 -19.64
N SER A 334 -2.74 -1.37 -20.72
CA SER A 334 -2.95 0.05 -20.98
C SER A 334 -4.13 0.63 -20.21
N LYS A 335 -4.93 -0.20 -19.57
CA LYS A 335 -6.04 0.28 -18.75
C LYS A 335 -5.67 0.48 -17.29
N ILE A 336 -4.48 0.03 -16.88
CA ILE A 336 -3.89 0.42 -15.60
C ILE A 336 -2.45 0.84 -15.85
N PRO A 337 -2.21 1.91 -16.61
CA PRO A 337 -0.84 2.25 -17.01
C PRO A 337 0.00 2.70 -15.83
N GLY A 338 1.30 2.42 -15.90
CA GLY A 338 2.23 2.82 -14.86
C GLY A 338 2.46 1.82 -13.77
N THR A 339 1.95 0.59 -13.90
CA THR A 339 2.09 -0.42 -12.86
C THR A 339 3.45 -1.10 -12.99
N VAL A 340 4.18 -1.18 -11.88
CA VAL A 340 5.50 -1.80 -11.84
C VAL A 340 5.41 -3.02 -10.93
N VAL A 341 5.91 -4.15 -11.40
CA VAL A 341 5.95 -5.39 -10.62
C VAL A 341 7.35 -5.52 -10.06
N ARG A 342 7.48 -5.37 -8.74
CA ARG A 342 8.77 -5.52 -8.08
C ARG A 342 9.00 -6.94 -7.58
N SER A 343 8.02 -7.54 -6.92
CA SER A 343 8.07 -8.94 -6.50
C SER A 343 7.30 -9.75 -7.53
N SER A 344 8.00 -10.23 -8.55
CA SER A 344 7.38 -10.88 -9.69
C SER A 344 7.16 -12.37 -9.47
N THR A 345 7.29 -12.85 -8.23
CA THR A 345 7.05 -14.25 -7.92
C THR A 345 5.75 -14.48 -7.16
N ILE A 346 4.99 -13.44 -6.88
CA ILE A 346 3.71 -13.61 -6.18
C ILE A 346 2.55 -12.88 -6.89
N PRO A 347 2.35 -13.07 -8.20
CA PRO A 347 1.17 -12.45 -8.82
C PRO A 347 -0.14 -13.17 -8.53
N GLU A 348 -0.09 -14.42 -8.09
CA GLU A 348 -1.29 -15.20 -7.79
C GLU A 348 -1.90 -14.86 -6.44
N GLN A 349 -1.19 -14.14 -5.57
CA GLN A 349 -1.75 -13.72 -4.30
C GLN A 349 -2.73 -12.57 -4.46
N LEU A 350 -2.71 -11.88 -5.59
CA LEU A 350 -3.68 -10.82 -5.84
C LEU A 350 -5.10 -11.36 -6.03
N GLY A 351 -5.26 -12.66 -6.27
CA GLY A 351 -6.55 -13.26 -6.47
C GLY A 351 -7.19 -13.91 -5.27
N ARG A 352 -6.62 -13.76 -4.08
CA ARG A 352 -7.16 -14.37 -2.87
C ARG A 352 -7.07 -13.43 -1.68
N ILE A 353 -7.19 -12.13 -1.92
CA ILE A 353 -7.14 -11.15 -0.84
C ILE A 353 -8.48 -11.11 -0.12
N SER A 354 -8.44 -11.20 1.20
CA SER A 354 -9.64 -11.13 2.03
C SER A 354 -9.77 -9.84 2.82
N TYR A 355 -8.66 -9.21 3.20
CA TYR A 355 -8.68 -7.97 3.96
C TYR A 355 -7.83 -6.94 3.23
N LEU A 356 -8.38 -5.74 3.04
CA LEU A 356 -7.66 -4.64 2.41
C LEU A 356 -7.53 -3.50 3.42
N LEU A 357 -6.30 -3.23 3.84
CA LEU A 357 -6.00 -2.16 4.79
C LEU A 357 -5.37 -1.01 4.03
N THR A 358 -5.98 0.16 4.10
CA THR A 358 -5.59 1.29 3.27
C THR A 358 -5.32 2.52 4.13
N ASP A 359 -4.43 3.37 3.64
CA ASP A 359 -4.13 4.68 4.19
C ASP A 359 -5.14 5.69 3.66
N LYS A 360 -5.33 6.78 4.41
CA LYS A 360 -6.28 7.82 4.02
C LYS A 360 -5.62 8.96 3.26
N THR A 361 -4.64 9.63 3.88
CA THR A 361 -4.03 10.81 3.30
C THR A 361 -3.08 10.45 2.17
N GLY A 362 -3.41 10.87 0.94
CA GLY A 362 -2.59 10.61 -0.22
C GLY A 362 -2.97 9.35 -0.98
N THR A 363 -3.73 8.45 -0.36
CA THR A 363 -4.17 7.23 -1.02
C THR A 363 -5.62 7.36 -1.50
N LEU A 364 -6.52 7.76 -0.60
CA LEU A 364 -7.92 8.00 -0.96
C LEU A 364 -8.20 9.45 -1.30
N THR A 365 -7.40 10.39 -0.81
CA THR A 365 -7.62 11.81 -1.01
C THR A 365 -6.48 12.40 -1.82
N GLN A 366 -6.77 13.53 -2.47
CA GLN A 366 -5.79 14.27 -3.25
C GLN A 366 -4.98 15.25 -2.41
N ASN A 367 -5.26 15.34 -1.11
CA ASN A 367 -4.64 16.31 -0.22
C ASN A 367 -4.90 17.74 -0.69
N GLU A 368 -6.13 17.96 -1.17
CA GLU A 368 -6.56 19.28 -1.61
C GLU A 368 -7.98 19.51 -1.10
N MET A 369 -8.19 20.58 -0.35
CA MET A 369 -9.51 20.90 0.19
C MET A 369 -10.11 22.09 -0.54
N ILE A 370 -11.42 22.02 -0.76
CA ILE A 370 -12.15 23.05 -1.49
C ILE A 370 -13.43 23.39 -0.75
N PHE A 371 -13.81 24.66 -0.79
CA PHE A 371 -15.10 25.11 -0.25
C PHE A 371 -16.20 24.65 -1.17
N LYS A 372 -17.26 24.07 -0.60
CA LYS A 372 -18.32 23.45 -1.40
C LYS A 372 -19.71 24.01 -1.14
N ARG A 373 -20.09 24.26 0.11
CA ARG A 373 -21.46 24.62 0.42
C ARG A 373 -21.51 25.75 1.44
N LEU A 374 -22.39 26.71 1.17
CA LEU A 374 -22.70 27.78 2.11
C LEU A 374 -24.19 27.75 2.40
N HIS A 375 -24.55 27.71 3.68
CA HIS A 375 -25.95 27.61 4.11
C HIS A 375 -26.30 28.81 4.97
N LEU A 376 -27.29 29.58 4.52
CA LEU A 376 -27.78 30.73 5.27
C LEU A 376 -29.09 30.44 5.99
N GLY A 377 -29.53 29.19 6.03
CA GLY A 377 -30.78 28.84 6.67
C GLY A 377 -31.95 28.83 5.72
N THR A 378 -32.29 29.98 5.16
CA THR A 378 -33.37 30.11 4.21
C THR A 378 -32.94 29.83 2.78
N VAL A 379 -31.64 29.65 2.53
CA VAL A 379 -31.13 29.38 1.20
C VAL A 379 -29.74 28.78 1.33
N ALA A 380 -29.45 27.79 0.49
CA ALA A 380 -28.15 27.15 0.45
C ALA A 380 -27.50 27.43 -0.90
N TYR A 381 -26.17 27.51 -0.88
CA TYR A 381 -25.38 27.78 -2.08
C TYR A 381 -24.38 26.66 -2.30
N GLY A 382 -24.23 26.26 -3.56
CA GLY A 382 -23.26 25.23 -3.91
C GLY A 382 -22.30 25.72 -4.98
N LEU A 383 -21.53 24.80 -5.56
CA LEU A 383 -20.60 25.17 -6.61
C LEU A 383 -21.29 25.70 -7.86
N ASP A 384 -22.56 25.37 -8.06
CA ASP A 384 -23.32 25.84 -9.21
C ASP A 384 -24.10 27.11 -8.93
N SER A 385 -24.00 27.67 -7.72
CA SER A 385 -24.74 28.87 -7.34
C SER A 385 -23.81 29.93 -6.77
N MET A 386 -22.50 29.78 -6.97
CA MET A 386 -21.53 30.75 -6.49
C MET A 386 -21.48 32.02 -7.33
N ASP A 387 -22.09 32.02 -8.51
CA ASP A 387 -22.17 33.20 -9.35
C ASP A 387 -23.21 34.19 -8.84
N GLU A 388 -24.07 33.79 -7.92
CA GLU A 388 -25.04 34.68 -7.30
C GLU A 388 -24.54 35.28 -6.00
N VAL A 389 -23.62 34.60 -5.29
CA VAL A 389 -22.99 35.21 -4.12
C VAL A 389 -22.09 36.35 -4.54
N GLN A 390 -21.39 36.20 -5.66
CA GLN A 390 -20.55 37.28 -6.18
C GLN A 390 -21.38 38.49 -6.57
N SER A 391 -22.62 38.29 -7.02
CA SER A 391 -23.49 39.40 -7.34
C SER A 391 -23.99 40.12 -6.10
N HIS A 392 -24.27 39.39 -5.02
CA HIS A 392 -24.66 40.01 -3.77
C HIS A 392 -23.53 40.85 -3.18
N ILE A 393 -22.30 40.33 -3.22
CA ILE A 393 -21.16 41.09 -2.72
C ILE A 393 -20.89 42.31 -3.60
N PHE A 394 -20.98 42.16 -4.91
CA PHE A 394 -20.79 43.29 -5.82
C PHE A 394 -21.86 44.34 -5.63
N SER A 395 -23.10 43.92 -5.36
CA SER A 395 -24.21 44.85 -5.25
C SER A 395 -24.01 45.83 -4.09
N ILE A 396 -23.47 45.34 -2.97
CA ILE A 396 -23.29 46.20 -1.81
C ILE A 396 -22.24 47.26 -2.08
N TYR A 397 -21.10 46.86 -2.66
CA TYR A 397 -20.01 47.79 -2.85
C TYR A 397 -20.12 48.61 -4.13
N THR A 398 -20.94 48.18 -5.09
CA THR A 398 -21.26 49.05 -6.21
C THR A 398 -22.26 50.12 -5.79
N GLN A 399 -22.99 49.88 -4.70
CA GLN A 399 -23.95 50.83 -4.17
C GLN A 399 -23.40 51.63 -2.99
N GLN A 400 -22.17 51.35 -2.56
CA GLN A 400 -21.54 52.09 -1.48
C GLN A 400 -21.43 53.57 -1.84
N SER A 401 -20.92 53.85 -3.03
CA SER A 401 -20.89 55.21 -3.55
C SER A 401 -22.14 55.56 -4.35
N GLN A 402 -23.02 54.59 -4.60
CA GLN A 402 -24.23 54.82 -5.37
C GLN A 402 -25.47 54.76 -4.48
N ARG A 418 -32.88 41.57 7.08
CA ARG A 418 -32.86 42.56 6.01
C ARG A 418 -32.88 41.87 4.65
N THR A 419 -32.38 42.57 3.64
CA THR A 419 -32.30 41.99 2.30
C THR A 419 -31.28 40.86 2.29
N MET A 420 -31.47 39.94 1.33
CA MET A 420 -30.56 38.81 1.20
C MET A 420 -29.15 39.23 0.81
N SER A 421 -28.97 40.40 0.20
CA SER A 421 -27.63 40.90 -0.07
C SER A 421 -26.88 41.26 1.20
N SER A 422 -27.59 41.78 2.21
CA SER A 422 -26.98 42.14 3.48
C SER A 422 -26.81 40.95 4.41
N ARG A 423 -27.46 39.82 4.12
CA ARG A 423 -27.23 38.59 4.87
C ARG A 423 -26.08 37.78 4.30
N VAL A 424 -25.87 37.84 3.00
CA VAL A 424 -24.70 37.22 2.38
C VAL A 424 -23.42 37.98 2.74
N HIS A 425 -23.47 39.32 2.69
CA HIS A 425 -22.29 40.11 2.97
C HIS A 425 -21.81 39.93 4.41
N GLU A 426 -22.74 39.84 5.36
CA GLU A 426 -22.36 39.66 6.75
C GLU A 426 -21.70 38.31 6.98
N ALA A 427 -22.12 37.28 6.26
CA ALA A 427 -21.51 35.95 6.38
C ALA A 427 -20.17 35.85 5.68
N VAL A 428 -20.02 36.46 4.50
CA VAL A 428 -18.74 36.41 3.80
C VAL A 428 -17.69 37.23 4.54
N LYS A 429 -18.07 38.37 5.10
CA LYS A 429 -17.12 39.18 5.85
C LYS A 429 -16.65 38.49 7.13
N ALA A 430 -17.50 37.61 7.69
CA ALA A 430 -17.09 36.88 8.90
C ALA A 430 -16.06 35.81 8.57
N ILE A 431 -16.24 35.11 7.44
CA ILE A 431 -15.28 34.09 7.03
C ILE A 431 -13.94 34.69 6.67
N ALA A 432 -13.91 35.92 6.18
CA ALA A 432 -12.67 36.57 5.79
C ALA A 432 -11.89 37.16 6.97
N LEU A 433 -12.47 37.14 8.17
CA LEU A 433 -11.83 37.73 9.34
C LEU A 433 -11.54 36.74 10.46
N CYS A 434 -12.37 35.71 10.63
CA CYS A 434 -12.21 34.76 11.74
C CYS A 434 -11.37 33.59 11.28
N HIS A 435 -10.05 33.75 11.38
CA HIS A 435 -9.10 32.72 10.98
C HIS A 435 -7.72 33.11 11.50
N ASN A 436 -6.72 32.33 11.11
CA ASN A 436 -5.33 32.61 11.44
C ASN A 436 -4.45 32.45 10.20
N VAL A 437 -4.89 33.03 9.08
CA VAL A 437 -4.21 32.91 7.79
C VAL A 437 -3.48 34.21 7.53
N THR A 438 -2.22 34.12 7.11
CA THR A 438 -1.42 35.30 6.81
C THR A 438 -0.99 35.30 5.36
N PRO A 439 -1.29 36.35 4.60
CA PRO A 439 -0.83 36.41 3.20
C PRO A 439 0.69 36.54 3.10
N VAL A 440 1.24 35.93 2.06
CA VAL A 440 2.69 35.93 1.83
C VAL A 440 2.94 36.30 0.38
N TYR A 441 3.81 37.28 0.16
CA TYR A 441 4.19 37.71 -1.18
C TYR A 441 5.63 37.33 -1.46
N GLU A 442 5.87 36.82 -2.67
CA GLU A 442 7.21 36.40 -3.07
C GLU A 442 7.52 36.96 -4.45
N SER A 443 8.81 37.15 -4.70
CA SER A 443 9.27 37.75 -5.96
C SER A 443 9.06 36.81 -7.14
N ASN A 444 8.17 37.18 -8.05
CA ASN A 444 7.93 36.35 -9.24
C ASN A 444 9.12 36.40 -10.20
N GLY A 445 10.00 37.38 -10.05
CA GLY A 445 11.15 37.52 -10.92
C GLY A 445 11.28 38.92 -11.48
N VAL A 446 10.15 39.55 -11.79
CA VAL A 446 10.17 40.95 -12.20
C VAL A 446 9.79 41.86 -11.03
N THR A 447 8.76 41.47 -10.28
CA THR A 447 8.33 42.20 -9.10
C THR A 447 9.03 41.65 -7.86
N ASP A 448 9.38 42.55 -6.95
CA ASP A 448 10.10 42.20 -5.73
C ASP A 448 9.13 41.96 -4.59
N GLN A 449 9.61 41.23 -3.58
CA GLN A 449 8.82 40.92 -2.40
C GLN A 449 8.48 42.21 -1.64
N ALA A 450 9.33 43.22 -1.77
CA ALA A 450 9.08 44.52 -1.16
C ALA A 450 8.23 45.44 -2.02
N GLU A 451 7.92 45.04 -3.25
CA GLU A 451 7.06 45.83 -4.13
C GLU A 451 5.68 45.23 -4.31
N ALA A 452 5.59 43.90 -4.46
CA ALA A 452 4.27 43.26 -4.56
C ALA A 452 3.49 43.39 -3.26
N GLU A 453 4.18 43.50 -2.13
CA GLU A 453 3.50 43.73 -0.86
C GLU A 453 2.78 45.08 -0.84
N LYS A 454 3.42 46.11 -1.40
CA LYS A 454 2.80 47.45 -1.45
C LYS A 454 1.62 47.48 -2.39
N GLN A 455 1.75 46.88 -3.58
CA GLN A 455 0.73 46.98 -4.61
C GLN A 455 -0.30 45.86 -4.54
N TYR A 456 -0.10 44.86 -3.67
CA TYR A 456 -1.08 43.80 -3.43
C TYR A 456 -1.36 42.99 -4.70
N GLU A 457 -0.29 42.62 -5.41
CA GLU A 457 -0.44 41.78 -6.60
C GLU A 457 -0.93 40.38 -6.20
N ASP A 458 -1.83 39.85 -7.02
CA ASP A 458 -2.47 38.57 -6.73
C ASP A 458 -1.63 37.37 -7.15
N SER A 459 -0.83 37.51 -8.21
CA SER A 459 -0.03 36.38 -8.68
C SER A 459 1.09 36.02 -7.71
N CYS A 460 1.54 36.98 -6.90
CA CYS A 460 2.62 36.72 -5.95
C CYS A 460 2.12 36.30 -4.57
N ARG A 461 0.81 36.31 -4.35
CA ARG A 461 0.27 36.05 -3.02
C ARG A 461 0.03 34.57 -2.79
N VAL A 462 0.41 34.09 -1.60
CA VAL A 462 0.12 32.74 -1.15
C VAL A 462 -0.43 32.82 0.27
N TYR A 463 -1.45 32.02 0.54
CA TYR A 463 -2.05 31.93 1.86
C TYR A 463 -1.42 30.79 2.64
N GLN A 464 -1.02 31.08 3.88
CA GLN A 464 -0.32 30.10 4.72
C GLN A 464 -1.00 30.03 6.07
N ALA A 465 -1.26 28.81 6.54
CA ALA A 465 -1.84 28.58 7.85
C ALA A 465 -1.60 27.13 8.24
N SER A 466 -1.79 26.84 9.52
CA SER A 466 -1.67 25.45 9.98
C SER A 466 -2.84 24.61 9.49
N SER A 467 -4.02 25.19 9.37
CA SER A 467 -5.20 24.45 8.94
C SER A 467 -5.41 24.64 7.44
N PRO A 468 -5.40 23.56 6.65
CA PRO A 468 -5.77 23.71 5.23
C PRO A 468 -7.22 24.09 5.01
N ASP A 469 -8.10 23.84 5.98
CA ASP A 469 -9.48 24.28 5.89
C ASP A 469 -9.61 25.79 5.90
N GLU A 470 -8.84 26.47 6.75
CA GLU A 470 -8.85 27.93 6.78
C GLU A 470 -8.35 28.53 5.47
N VAL A 471 -7.32 27.93 4.89
CA VAL A 471 -6.81 28.41 3.61
C VAL A 471 -7.86 28.25 2.51
N ALA A 472 -8.58 27.13 2.51
CA ALA A 472 -9.62 26.91 1.52
C ALA A 472 -10.77 27.89 1.70
N LEU A 473 -11.08 28.28 2.94
CA LEU A 473 -12.13 29.26 3.18
C LEU A 473 -11.71 30.65 2.68
N VAL A 474 -10.46 31.05 2.95
CA VAL A 474 -9.97 32.34 2.50
C VAL A 474 -9.83 32.39 0.98
N GLN A 475 -9.43 31.27 0.36
CA GLN A 475 -9.36 31.20 -1.10
C GLN A 475 -10.73 31.33 -1.76
N TRP A 476 -11.81 31.01 -1.05
CA TRP A 476 -13.14 31.11 -1.63
C TRP A 476 -13.67 32.54 -1.59
N THR A 477 -13.39 33.27 -0.50
CA THR A 477 -13.86 34.65 -0.41
C THR A 477 -13.16 35.54 -1.43
N GLU A 478 -11.91 35.23 -1.76
CA GLU A 478 -11.21 35.96 -2.81
C GLU A 478 -11.89 35.76 -4.16
N SER A 479 -12.29 34.53 -4.47
CA SER A 479 -13.00 34.26 -5.72
C SER A 479 -14.41 34.82 -5.70
N VAL A 480 -14.90 35.25 -4.54
CA VAL A 480 -16.26 35.77 -4.41
C VAL A 480 -16.29 37.29 -4.36
N GLY A 481 -15.20 37.95 -3.98
CA GLY A 481 -15.15 39.40 -4.00
C GLY A 481 -14.41 40.06 -2.85
N LEU A 482 -14.32 39.38 -1.70
CA LEU A 482 -13.64 39.92 -0.52
C LEU A 482 -12.29 39.22 -0.38
N THR A 483 -11.22 39.95 -0.67
CA THR A 483 -9.87 39.40 -0.63
C THR A 483 -9.12 39.87 0.60
N LEU A 484 -8.35 38.97 1.20
CA LEU A 484 -7.48 39.29 2.33
C LEU A 484 -6.09 39.58 1.78
N VAL A 485 -5.68 40.85 1.83
CA VAL A 485 -4.43 41.26 1.21
C VAL A 485 -3.29 41.47 2.20
N GLY A 486 -3.59 41.72 3.48
CA GLY A 486 -2.55 41.93 4.46
C GLY A 486 -3.00 41.54 5.85
N ARG A 487 -2.03 41.11 6.66
CA ARG A 487 -2.31 40.74 8.03
C ARG A 487 -1.05 40.90 8.87
N ASP A 488 -1.21 41.45 10.07
CA ASP A 488 -0.16 41.53 11.06
C ASP A 488 -0.68 40.97 12.38
N GLN A 489 0.08 41.14 13.46
CA GLN A 489 -0.37 40.68 14.76
C GLN A 489 -1.49 41.52 15.35
N SER A 490 -1.75 42.70 14.79
CA SER A 490 -2.77 43.60 15.33
C SER A 490 -3.58 44.29 14.23
N SER A 491 -3.59 43.75 13.01
CA SER A 491 -4.30 44.41 11.93
C SER A 491 -4.59 43.42 10.82
N MET A 492 -5.72 43.61 10.15
CA MET A 492 -6.09 42.87 8.95
C MET A 492 -6.54 43.85 7.88
N GLN A 493 -6.29 43.50 6.62
CA GLN A 493 -6.63 44.36 5.50
C GLN A 493 -7.42 43.55 4.47
N LEU A 494 -8.55 44.11 4.04
CA LEU A 494 -9.44 43.45 3.09
C LEU A 494 -9.61 44.34 1.86
N ARG A 495 -9.70 43.72 0.69
CA ARG A 495 -9.94 44.44 -0.55
C ARG A 495 -11.34 44.12 -1.07
N THR A 496 -12.07 45.17 -1.44
CA THR A 496 -13.44 45.09 -1.91
C THR A 496 -13.49 45.05 -3.43
N PRO A 497 -14.65 44.71 -4.01
CA PRO A 497 -14.77 44.72 -5.47
C PRO A 497 -14.41 46.05 -6.12
N GLY A 498 -14.64 47.16 -5.42
CA GLY A 498 -14.30 48.47 -5.96
C GLY A 498 -12.90 48.91 -5.60
N ASP A 499 -12.07 47.96 -5.19
CA ASP A 499 -10.65 48.14 -4.89
C ASP A 499 -10.41 49.08 -3.71
N GLN A 500 -11.40 49.30 -2.85
CA GLN A 500 -11.17 50.01 -1.61
C GLN A 500 -10.61 49.05 -0.56
N ILE A 501 -9.66 49.54 0.23
CA ILE A 501 -9.02 48.74 1.26
C ILE A 501 -9.69 49.02 2.59
N LEU A 502 -10.14 47.96 3.25
CA LEU A 502 -10.76 48.05 4.57
C LEU A 502 -9.74 47.63 5.62
N ASN A 503 -9.56 48.47 6.64
CA ASN A 503 -8.59 48.23 7.68
C ASN A 503 -9.30 47.84 8.97
N PHE A 504 -8.83 46.78 9.61
CA PHE A 504 -9.38 46.30 10.87
C PHE A 504 -8.27 46.18 11.90
N THR A 505 -8.63 46.35 13.16
CA THR A 505 -7.69 46.25 14.26
C THR A 505 -8.02 45.02 15.09
N ILE A 506 -7.05 44.12 15.23
CA ILE A 506 -7.24 42.91 16.02
C ILE A 506 -7.03 43.25 17.49
N LEU A 507 -8.09 43.13 18.29
CA LEU A 507 -8.03 43.45 19.71
C LEU A 507 -7.82 42.23 20.59
N GLN A 508 -8.57 41.16 20.38
CA GLN A 508 -8.39 39.91 21.11
C GLN A 508 -8.55 38.75 20.14
N ILE A 509 -7.62 37.80 20.18
CA ILE A 509 -7.68 36.61 19.35
C ILE A 509 -7.56 35.39 20.25
N PHE A 510 -8.48 34.44 20.08
CA PHE A 510 -8.48 33.20 20.85
C PHE A 510 -8.24 32.04 19.90
N PRO A 511 -7.04 31.48 19.85
CA PRO A 511 -6.71 30.48 18.82
C PRO A 511 -7.45 29.17 19.05
N PHE A 512 -7.41 28.32 18.03
CA PHE A 512 -8.13 27.08 18.02
C PHE A 512 -7.36 26.00 18.78
N THR A 513 -8.05 25.31 19.69
CA THR A 513 -7.50 24.17 20.41
C THR A 513 -8.41 22.98 20.22
N TYR A 514 -7.83 21.78 20.21
CA TYR A 514 -8.61 20.57 19.98
C TYR A 514 -9.52 20.22 21.15
N GLU A 515 -9.38 20.88 22.30
CA GLU A 515 -10.29 20.70 23.40
C GLU A 515 -11.52 21.59 23.28
N SER A 516 -11.33 22.87 22.97
CA SER A 516 -12.46 23.79 22.81
C SER A 516 -13.18 23.56 21.49
N LYS A 517 -12.45 23.17 20.44
CA LYS A 517 -13.00 22.91 19.11
C LYS A 517 -13.69 24.14 18.54
N ARG A 518 -13.18 25.32 18.86
CA ARG A 518 -13.74 26.56 18.33
C ARG A 518 -12.67 27.64 18.36
N MET A 519 -12.88 28.68 17.57
CA MET A 519 -11.94 29.79 17.45
C MET A 519 -12.71 31.10 17.48
N GLY A 520 -12.07 32.14 18.05
CA GLY A 520 -12.71 33.44 18.16
C GLY A 520 -11.72 34.56 17.93
N ILE A 521 -12.26 35.73 17.63
CA ILE A 521 -11.47 36.93 17.39
C ILE A 521 -12.35 38.15 17.60
N ILE A 522 -11.74 39.23 18.08
CA ILE A 522 -12.41 40.52 18.25
C ILE A 522 -11.69 41.54 17.38
N VAL A 523 -12.45 42.23 16.54
CA VAL A 523 -11.89 43.21 15.61
C VAL A 523 -12.66 44.51 15.76
N ARG A 524 -12.01 45.60 15.34
CA ARG A 524 -12.61 46.93 15.33
C ARG A 524 -12.48 47.51 13.93
N ASP A 525 -13.61 47.86 13.33
CA ASP A 525 -13.57 48.53 12.04
C ASP A 525 -13.11 49.96 12.20
N GLU A 526 -12.07 50.33 11.45
CA GLU A 526 -11.50 51.66 11.56
C GLU A 526 -12.23 52.70 10.71
N SER A 527 -13.24 52.28 9.95
CA SER A 527 -14.06 53.23 9.22
C SER A 527 -15.23 53.71 10.07
N THR A 528 -15.93 52.78 10.72
CA THR A 528 -17.11 53.10 11.52
C THR A 528 -16.84 53.11 13.02
N GLY A 529 -15.79 52.43 13.48
CA GLY A 529 -15.46 52.39 14.89
C GLY A 529 -16.12 51.28 15.68
N GLU A 530 -16.97 50.47 15.05
CA GLU A 530 -17.69 49.42 15.76
C GLU A 530 -16.75 48.27 16.12
N ILE A 531 -17.13 47.54 17.16
CA ILE A 531 -16.38 46.38 17.65
C ILE A 531 -17.26 45.15 17.51
N THR A 532 -16.75 44.14 16.83
CA THR A 532 -17.47 42.90 16.59
C THR A 532 -16.68 41.71 17.11
N PHE A 533 -17.38 40.76 17.72
CA PHE A 533 -16.80 39.51 18.19
C PHE A 533 -17.26 38.37 17.27
N TYR A 534 -16.32 37.66 16.69
CA TYR A 534 -16.60 36.56 15.78
C TYR A 534 -16.16 35.24 16.41
N MET A 535 -16.98 34.22 16.25
CA MET A 535 -16.66 32.89 16.76
C MET A 535 -17.09 31.83 15.74
N LYS A 536 -16.23 30.85 15.53
CA LYS A 536 -16.51 29.74 14.63
C LYS A 536 -16.02 28.44 15.25
N GLY A 537 -16.75 27.36 14.99
CA GLY A 537 -16.39 26.08 15.56
C GLY A 537 -17.36 25.00 15.16
N ALA A 538 -17.20 23.83 15.78
CA ALA A 538 -18.02 22.67 15.47
C ALA A 538 -19.45 22.87 15.97
N ASP A 539 -20.37 22.08 15.40
CA ASP A 539 -21.78 22.23 15.74
C ASP A 539 -22.08 21.80 17.17
N VAL A 540 -21.28 20.88 17.72
CA VAL A 540 -21.55 20.37 19.07
C VAL A 540 -21.32 21.45 20.10
N VAL A 541 -20.28 22.26 19.92
CA VAL A 541 -19.95 23.29 20.91
C VAL A 541 -20.66 24.61 20.65
N MET A 542 -21.05 24.88 19.41
CA MET A 542 -21.67 26.15 19.05
C MET A 542 -23.19 26.11 19.06
N ALA A 543 -23.79 24.97 19.42
CA ALA A 543 -25.25 24.90 19.49
C ALA A 543 -25.78 25.70 20.67
N GLY A 544 -25.10 25.63 21.82
CA GLY A 544 -25.55 26.36 22.99
C GLY A 544 -25.08 27.80 23.05
N ILE A 545 -24.19 28.19 22.16
CA ILE A 545 -23.61 29.53 22.17
C ILE A 545 -24.51 30.50 21.40
N VAL A 546 -25.21 29.98 20.40
CA VAL A 546 -26.00 30.83 19.50
C VAL A 546 -27.44 30.89 19.99
N GLN A 547 -28.16 31.88 19.47
CA GLN A 547 -29.55 32.08 19.85
C GLN A 547 -30.43 30.98 19.29
N TYR A 548 -31.70 31.00 19.71
CA TYR A 548 -32.64 29.95 19.33
C TYR A 548 -32.84 29.94 17.82
N ASN A 549 -32.83 28.73 17.24
CA ASN A 549 -33.07 28.53 15.82
C ASN A 549 -33.72 27.16 15.63
N ASP A 550 -34.09 26.88 14.38
CA ASP A 550 -34.77 25.63 14.06
C ASP A 550 -34.14 24.93 12.85
N TRP A 551 -32.93 25.33 12.46
CA TRP A 551 -32.35 24.77 11.26
C TRP A 551 -30.87 24.41 11.40
N LEU A 552 -30.22 24.86 12.47
CA LEU A 552 -28.78 24.61 12.61
C LEU A 552 -28.51 23.13 12.80
N GLU A 553 -29.20 22.49 13.75
CA GLU A 553 -28.94 21.08 14.04
C GLU A 553 -29.40 20.19 12.89
N GLU A 554 -30.51 20.53 12.24
CA GLU A 554 -31.01 19.73 11.14
C GLU A 554 -30.07 19.78 9.94
N GLU A 555 -29.67 20.99 9.53
CA GLU A 555 -28.85 21.14 8.33
C GLU A 555 -27.42 20.71 8.53
N CYS A 556 -26.91 20.76 9.77
CA CYS A 556 -25.56 20.26 10.02
C CYS A 556 -25.49 18.75 9.84
N GLY A 557 -26.53 18.03 10.26
CA GLY A 557 -26.57 16.60 10.04
C GLY A 557 -26.64 16.24 8.57
N ASN A 558 -27.44 16.98 7.79
CA ASN A 558 -27.50 16.76 6.35
C ASN A 558 -26.15 17.06 5.70
N MET A 559 -25.51 18.16 6.13
CA MET A 559 -24.20 18.50 5.59
C MET A 559 -23.15 17.46 5.94
N ALA A 560 -23.13 17.00 7.19
CA ALA A 560 -22.11 16.05 7.61
C ALA A 560 -22.30 14.68 6.99
N ARG A 561 -23.54 14.32 6.66
CA ARG A 561 -23.85 13.05 6.03
C ARG A 561 -23.35 12.98 4.59
N GLU A 562 -22.98 14.11 4.00
CA GLU A 562 -22.40 14.16 2.66
C GLU A 562 -20.89 14.09 2.66
N GLY A 563 -20.27 13.93 3.82
CA GLY A 563 -18.82 13.90 3.89
C GLY A 563 -18.16 15.27 3.93
N LEU A 564 -18.89 16.29 4.35
CA LEU A 564 -18.37 17.64 4.46
C LEU A 564 -17.93 17.94 5.89
N ARG A 565 -16.98 18.87 6.01
CA ARG A 565 -16.56 19.37 7.31
C ARG A 565 -17.29 20.68 7.59
N VAL A 566 -18.12 20.68 8.63
CA VAL A 566 -19.08 21.76 8.87
C VAL A 566 -18.57 22.65 10.00
N LEU A 567 -18.65 23.96 9.81
CA LEU A 567 -18.31 24.94 10.82
C LEU A 567 -19.49 25.89 11.01
N VAL A 568 -19.72 26.30 12.25
CA VAL A 568 -20.80 27.21 12.58
C VAL A 568 -20.21 28.59 12.86
N VAL A 569 -20.74 29.61 12.20
CA VAL A 569 -20.21 30.98 12.28
C VAL A 569 -21.24 31.85 12.96
N ALA A 570 -20.80 32.63 13.96
CA ALA A 570 -21.70 33.43 14.78
C ALA A 570 -21.12 34.83 14.96
N LYS A 571 -21.98 35.74 15.41
CA LYS A 571 -21.62 37.15 15.60
C LYS A 571 -22.14 37.66 16.93
N LYS A 572 -21.49 38.72 17.41
CA LYS A 572 -21.98 39.48 18.55
C LYS A 572 -21.38 40.87 18.49
N SER A 573 -22.23 41.89 18.37
CA SER A 573 -21.77 43.28 18.33
C SER A 573 -21.55 43.79 19.75
N LEU A 574 -20.35 44.26 20.02
CA LEU A 574 -20.01 44.83 21.33
C LEU A 574 -19.96 46.35 21.24
N ALA A 575 -20.41 47.00 22.30
CA ALA A 575 -20.35 48.44 22.39
C ALA A 575 -18.99 48.87 22.96
N GLU A 576 -18.80 50.18 23.09
CA GLU A 576 -17.58 50.72 23.65
C GLU A 576 -17.54 50.66 25.17
N GLU A 577 -18.44 49.90 25.77
CA GLU A 577 -18.50 49.73 27.22
C GLU A 577 -18.40 48.27 27.66
N GLN A 578 -18.98 47.34 26.88
CA GLN A 578 -18.87 45.93 27.24
C GLN A 578 -17.46 45.40 27.02
N TYR A 579 -16.74 45.93 26.02
CA TYR A 579 -15.36 45.52 25.82
C TYR A 579 -14.48 45.97 26.98
N GLN A 580 -14.70 47.19 27.47
CA GLN A 580 -13.92 47.67 28.61
C GLN A 580 -14.17 46.83 29.85
N ASP A 581 -15.43 46.45 30.08
CA ASP A 581 -15.74 45.50 31.15
C ASP A 581 -15.10 44.13 30.92
N PHE A 582 -14.71 43.82 29.69
CA PHE A 582 -14.03 42.58 29.35
C PHE A 582 -12.52 42.73 29.32
N GLU A 583 -12.01 43.78 28.66
CA GLU A 583 -10.56 43.95 28.58
C GLU A 583 -9.94 44.17 29.94
N ALA A 584 -10.55 45.02 30.77
CA ALA A 584 -10.07 45.27 32.12
C ALA A 584 -10.23 44.07 33.03
N ARG A 585 -11.03 43.08 32.63
CA ARG A 585 -11.18 41.85 33.38
C ARG A 585 -10.41 40.68 32.79
N TYR A 586 -10.23 40.65 31.47
CA TYR A 586 -9.45 39.59 30.84
C TYR A 586 -7.98 39.67 31.23
N VAL A 587 -7.41 40.88 31.31
CA VAL A 587 -6.02 41.04 31.69
C VAL A 587 -5.80 40.60 33.14
N GLN A 588 -6.81 40.83 33.99
CA GLN A 588 -6.67 40.49 35.41
C GLN A 588 -6.43 39.00 35.60
N ALA A 589 -7.14 38.17 34.84
CA ALA A 589 -6.90 36.72 34.90
C ALA A 589 -5.52 36.34 34.38
N LYS A 590 -4.98 37.09 33.42
CA LYS A 590 -3.67 36.77 32.88
C LYS A 590 -2.56 37.00 33.90
N LEU A 591 -2.66 38.05 34.71
CA LEU A 591 -1.62 38.38 35.69
C LEU A 591 -1.90 37.70 37.02
N SER A 592 -2.14 36.39 36.91
CA SER A 592 -2.44 35.56 38.07
C SER A 592 -1.44 34.41 38.11
N VAL A 593 -1.14 33.94 39.32
CA VAL A 593 -0.18 32.86 39.52
C VAL A 593 -0.81 31.59 40.05
N HIS A 594 -2.15 31.53 40.17
CA HIS A 594 -2.84 30.36 40.70
C HIS A 594 -3.96 30.00 39.73
N ASP A 595 -3.81 28.85 39.07
CA ASP A 595 -4.84 28.30 38.18
C ASP A 595 -5.22 29.28 37.08
N ARG A 596 -4.27 29.63 36.22
CA ARG A 596 -4.50 30.54 35.10
C ARG A 596 -5.47 29.99 34.06
N SER A 597 -5.37 28.70 33.74
CA SER A 597 -6.17 28.11 32.66
C SER A 597 -7.66 28.26 32.92
N LEU A 598 -8.10 27.85 34.12
CA LEU A 598 -9.51 27.97 34.47
C LEU A 598 -9.92 29.39 34.82
N LYS A 599 -8.97 30.25 35.23
CA LYS A 599 -9.30 31.64 35.51
C LYS A 599 -9.55 32.43 34.23
N VAL A 600 -8.70 32.25 33.22
CA VAL A 600 -8.89 32.90 31.93
C VAL A 600 -10.11 32.35 31.20
N ALA A 601 -10.33 31.03 31.27
CA ALA A 601 -11.43 30.42 30.55
C ALA A 601 -12.79 30.95 30.99
N THR A 602 -13.00 31.12 32.30
CA THR A 602 -14.28 31.59 32.79
C THR A 602 -14.63 33.00 32.32
N VAL A 603 -13.65 33.79 31.88
CA VAL A 603 -13.93 35.12 31.36
C VAL A 603 -14.30 35.08 29.88
N ILE A 604 -13.87 34.06 29.14
CA ILE A 604 -14.14 33.96 27.72
C ILE A 604 -15.55 33.42 27.51
N GLU A 605 -15.92 32.38 28.27
CA GLU A 605 -17.26 31.82 28.19
C GLU A 605 -18.33 32.74 28.76
N SER A 606 -17.93 33.83 29.41
CA SER A 606 -18.86 34.89 29.77
C SER A 606 -19.19 35.80 28.60
N LEU A 607 -18.42 35.74 27.52
CA LEU A 607 -18.74 36.45 26.29
C LEU A 607 -19.42 35.55 25.25
N GLU A 608 -19.37 34.24 25.44
CA GLU A 608 -19.90 33.29 24.47
C GLU A 608 -21.33 32.87 24.84
N MET A 609 -22.23 33.85 24.84
CA MET A 609 -23.65 33.57 25.06
C MET A 609 -24.48 34.51 24.20
N GLU A 610 -25.56 33.99 23.64
CA GLU A 610 -26.52 34.74 22.84
C GLU A 610 -25.83 35.42 21.66
N MET A 611 -25.23 34.58 20.81
CA MET A 611 -24.56 35.03 19.61
C MET A 611 -25.47 34.86 18.40
N GLU A 612 -25.35 35.77 17.44
CA GLU A 612 -26.21 35.77 16.26
C GLU A 612 -25.64 34.80 15.23
N LEU A 613 -26.39 33.73 14.95
CA LEU A 613 -25.97 32.74 13.97
C LEU A 613 -25.95 33.35 12.58
N LEU A 614 -24.88 33.08 11.83
CA LEU A 614 -24.69 33.66 10.50
C LEU A 614 -24.82 32.63 9.38
N CYS A 615 -24.03 31.57 9.41
CA CYS A 615 -24.02 30.63 8.30
C CYS A 615 -23.37 29.32 8.74
N LEU A 616 -23.56 28.30 7.91
CA LEU A 616 -22.83 27.04 8.01
C LEU A 616 -21.98 26.87 6.76
N THR A 617 -20.71 26.53 6.97
CA THR A 617 -19.77 26.35 5.87
C THR A 617 -19.37 24.89 5.77
N GLY A 618 -19.30 24.39 4.54
CA GLY A 618 -18.88 23.02 4.30
C GLY A 618 -17.63 22.96 3.45
N VAL A 619 -16.61 22.25 3.92
CA VAL A 619 -15.35 22.10 3.21
C VAL A 619 -15.10 20.61 3.00
N GLU A 620 -14.73 20.25 1.77
CA GLU A 620 -14.53 18.86 1.38
C GLU A 620 -13.07 18.62 1.04
N ASP A 621 -12.51 17.55 1.58
CA ASP A 621 -11.21 17.06 1.14
C ASP A 621 -11.43 16.19 -0.10
N GLN A 622 -10.85 16.60 -1.23
CA GLN A 622 -11.19 15.99 -2.50
C GLN A 622 -10.63 14.59 -2.61
N LEU A 623 -11.47 13.65 -3.00
CA LEU A 623 -11.08 12.27 -3.24
C LEU A 623 -10.34 12.15 -4.56
N GLN A 624 -9.66 11.02 -4.74
CA GLN A 624 -9.04 10.73 -6.02
C GLN A 624 -10.07 10.17 -7.00
N ALA A 625 -9.65 10.03 -8.25
CA ALA A 625 -10.57 9.63 -9.31
C ALA A 625 -11.12 8.23 -9.07
N ASP A 626 -12.45 8.10 -9.17
CA ASP A 626 -13.15 6.82 -9.10
C ASP A 626 -12.87 6.08 -7.79
N VAL A 627 -12.81 6.81 -6.68
CA VAL A 627 -12.60 6.17 -5.38
C VAL A 627 -13.88 5.49 -4.91
N ARG A 628 -15.03 6.15 -5.06
CA ARG A 628 -16.29 5.54 -4.64
C ARG A 628 -16.62 4.27 -5.40
N PRO A 629 -16.57 4.23 -6.74
CA PRO A 629 -16.85 2.95 -7.44
C PRO A 629 -15.87 1.84 -7.08
N THR A 630 -14.60 2.18 -6.85
CA THR A 630 -13.61 1.16 -6.52
C THR A 630 -13.90 0.52 -5.17
N LEU A 631 -14.28 1.32 -4.18
CA LEU A 631 -14.58 0.76 -2.87
C LEU A 631 -15.83 -0.11 -2.91
N GLU A 632 -16.83 0.27 -3.72
CA GLU A 632 -18.03 -0.55 -3.86
C GLU A 632 -17.73 -1.87 -4.55
N THR A 633 -16.85 -1.84 -5.55
CA THR A 633 -16.48 -3.07 -6.27
C THR A 633 -15.76 -4.04 -5.34
N LEU A 634 -14.83 -3.54 -4.52
CA LEU A 634 -14.10 -4.41 -3.60
C LEU A 634 -15.03 -5.01 -2.55
N ARG A 635 -16.03 -4.24 -2.13
CA ARG A 635 -16.94 -4.72 -1.10
C ARG A 635 -17.91 -5.77 -1.65
N ASN A 636 -18.29 -5.65 -2.92
CA ASN A 636 -19.12 -6.65 -3.57
C ASN A 636 -18.39 -7.93 -3.90
N ALA A 637 -17.06 -7.92 -3.85
CA ALA A 637 -16.25 -9.10 -4.07
C ALA A 637 -15.95 -9.87 -2.78
N GLY A 638 -16.49 -9.43 -1.65
CA GLY A 638 -16.24 -10.09 -0.39
C GLY A 638 -14.96 -9.67 0.31
N ILE A 639 -14.43 -8.50 0.00
CA ILE A 639 -13.20 -8.01 0.62
C ILE A 639 -13.56 -6.99 1.68
N LYS A 640 -13.08 -7.20 2.90
CA LYS A 640 -13.30 -6.26 3.99
C LYS A 640 -12.23 -5.17 3.92
N VAL A 641 -12.65 -3.91 4.02
CA VAL A 641 -11.76 -2.77 3.86
C VAL A 641 -11.70 -2.01 5.18
N TRP A 642 -10.48 -1.77 5.67
CA TRP A 642 -10.24 -0.98 6.87
C TRP A 642 -9.41 0.23 6.52
N MET A 643 -9.65 1.34 7.20
CA MET A 643 -8.89 2.56 7.01
C MET A 643 -8.03 2.81 8.24
N LEU A 644 -6.72 2.58 8.10
CA LEU A 644 -5.75 2.87 9.14
C LEU A 644 -5.00 4.14 8.74
N THR A 645 -5.21 5.21 9.49
CA THR A 645 -4.63 6.50 9.17
C THR A 645 -3.93 7.09 10.37
N GLY A 646 -2.91 7.91 10.11
CA GLY A 646 -2.22 8.67 11.13
C GLY A 646 -2.79 10.05 11.37
N ASP A 647 -3.94 10.38 10.76
CA ASP A 647 -4.57 11.68 10.91
C ASP A 647 -5.59 11.65 12.04
N LYS A 648 -6.15 12.83 12.31
CA LYS A 648 -7.03 13.00 13.46
C LYS A 648 -8.41 12.37 13.21
N LEU A 649 -9.16 12.22 14.29
CA LEU A 649 -10.44 11.51 14.24
C LEU A 649 -11.45 12.24 13.36
N GLU A 650 -11.53 13.56 13.49
CA GLU A 650 -12.58 14.31 12.81
C GLU A 650 -12.40 14.26 11.29
N THR A 651 -11.18 14.45 10.81
CA THR A 651 -10.93 14.40 9.37
C THR A 651 -11.14 13.00 8.81
N ALA A 652 -10.76 11.98 9.57
CA ALA A 652 -10.89 10.60 9.10
C ALA A 652 -12.36 10.20 8.95
N THR A 653 -13.21 10.62 9.88
CA THR A 653 -14.63 10.27 9.80
C THR A 653 -15.29 10.94 8.60
N CYS A 654 -14.90 12.17 8.28
CA CYS A 654 -15.46 12.85 7.12
C CYS A 654 -15.09 12.14 5.82
N THR A 655 -13.84 11.67 5.72
CA THR A 655 -13.42 10.97 4.51
C THR A 655 -14.08 9.61 4.38
N ALA A 656 -14.31 8.93 5.51
CA ALA A 656 -15.00 7.64 5.46
C ALA A 656 -16.42 7.78 4.93
N LYS A 657 -17.13 8.83 5.35
CA LYS A 657 -18.47 9.08 4.85
C LYS A 657 -18.45 9.58 3.41
N ASN A 658 -17.46 10.41 3.07
CA ASN A 658 -17.37 10.94 1.71
C ASN A 658 -17.04 9.82 0.71
N ALA A 659 -16.14 8.92 1.07
CA ALA A 659 -15.77 7.81 0.20
C ALA A 659 -16.79 6.68 0.23
N HIS A 660 -17.81 6.78 1.09
CA HIS A 660 -18.81 5.75 1.29
C HIS A 660 -18.18 4.46 1.80
N LEU A 661 -17.11 4.58 2.57
CA LEU A 661 -16.62 3.44 3.33
C LEU A 661 -17.65 3.00 4.36
N VAL A 662 -18.36 3.95 4.94
CA VAL A 662 -19.53 3.68 5.78
C VAL A 662 -20.76 4.13 5.01
N THR A 663 -21.80 3.31 5.01
CA THR A 663 -23.00 3.60 4.24
C THR A 663 -23.77 4.75 4.85
N ARG A 664 -24.64 5.36 4.02
CA ARG A 664 -25.42 6.50 4.47
C ARG A 664 -26.31 6.14 5.66
N ASN A 665 -26.95 4.97 5.61
CA ASN A 665 -27.81 4.53 6.69
C ASN A 665 -27.06 3.79 7.80
N GLN A 666 -25.76 3.54 7.61
CA GLN A 666 -24.97 2.81 8.60
C GLN A 666 -24.84 3.60 9.89
N ASP A 667 -24.69 2.89 11.01
CA ASP A 667 -24.49 3.52 12.31
C ASP A 667 -23.03 3.41 12.71
N ILE A 668 -22.52 4.47 13.34
CA ILE A 668 -21.11 4.59 13.69
C ILE A 668 -20.99 4.68 15.20
N HIS A 669 -20.12 3.83 15.76
CA HIS A 669 -19.79 3.86 17.19
C HIS A 669 -18.37 4.37 17.33
N VAL A 670 -18.20 5.45 18.11
CA VAL A 670 -16.90 6.08 18.31
C VAL A 670 -16.35 5.58 19.65
N PHE A 671 -15.23 4.86 19.58
CA PHE A 671 -14.61 4.33 20.78
C PHE A 671 -14.04 5.47 21.62
N ARG A 672 -14.41 5.52 22.89
CA ARG A 672 -13.97 6.60 23.75
C ARG A 672 -12.58 6.33 24.30
N LEU A 673 -11.99 7.36 24.90
CA LEU A 673 -10.63 7.27 25.42
C LEU A 673 -10.60 6.40 26.67
N VAL A 674 -10.06 5.20 26.55
CA VAL A 674 -9.84 4.31 27.68
C VAL A 674 -8.36 4.37 28.06
N THR A 675 -8.08 4.28 29.36
CA THR A 675 -6.72 4.45 29.86
C THR A 675 -6.20 3.24 30.65
N ASN A 676 -7.07 2.28 30.98
CA ASN A 676 -6.64 1.14 31.78
C ASN A 676 -7.47 -0.08 31.41
N ARG A 677 -7.19 -1.18 32.10
CA ARG A 677 -7.87 -2.44 31.82
C ARG A 677 -9.36 -2.35 32.12
N GLY A 678 -9.72 -1.70 33.22
CA GLY A 678 -11.11 -1.59 33.60
C GLY A 678 -11.94 -0.78 32.63
N GLU A 679 -11.40 0.36 32.18
CA GLU A 679 -12.13 1.20 31.24
C GLU A 679 -12.27 0.54 29.88
N ALA A 680 -11.29 -0.29 29.49
CA ALA A 680 -11.35 -0.96 28.20
C ALA A 680 -12.41 -2.06 28.18
N HIS A 681 -12.62 -2.75 29.30
CA HIS A 681 -13.62 -3.80 29.35
C HIS A 681 -15.03 -3.23 29.24
N LEU A 682 -15.27 -2.07 29.87
CA LEU A 682 -16.59 -1.46 29.81
C LEU A 682 -16.94 -1.03 28.39
N GLU A 683 -15.98 -0.46 27.66
CA GLU A 683 -16.25 0.01 26.31
C GLU A 683 -16.35 -1.11 25.29
N LEU A 684 -15.68 -2.24 25.53
CA LEU A 684 -15.82 -3.40 24.66
C LEU A 684 -17.16 -4.10 24.83
N ASN A 685 -17.71 -4.08 26.05
CA ASN A 685 -19.06 -4.60 26.26
C ASN A 685 -20.11 -3.68 25.66
N ALA A 686 -19.88 -2.38 25.70
CA ALA A 686 -20.83 -1.43 25.12
C ALA A 686 -20.93 -1.60 23.61
N PHE A 687 -19.79 -1.82 22.95
CA PHE A 687 -19.80 -2.01 21.49
C PHE A 687 -20.42 -3.34 21.10
N ARG A 688 -20.26 -4.37 21.94
CA ARG A 688 -20.82 -5.68 21.62
C ARG A 688 -22.34 -5.63 21.57
N ARG A 689 -22.96 -4.74 22.35
CA ARG A 689 -24.40 -4.63 22.41
C ARG A 689 -24.99 -3.92 21.20
N LYS A 690 -24.18 -3.47 20.26
CA LYS A 690 -24.63 -2.80 19.05
C LYS A 690 -24.75 -3.82 17.92
N HIS A 691 -25.47 -3.43 16.87
CA HIS A 691 -25.74 -4.34 15.76
C HIS A 691 -25.49 -3.61 14.46
N ASP A 692 -24.64 -4.21 13.60
CA ASP A 692 -24.26 -3.65 12.31
C ASP A 692 -23.77 -2.21 12.46
N CYS A 693 -22.71 -2.07 13.25
CA CYS A 693 -22.14 -0.77 13.59
C CYS A 693 -20.69 -0.72 13.14
N ALA A 694 -20.30 0.40 12.55
CA ALA A 694 -18.91 0.66 12.18
C ALA A 694 -18.15 1.18 13.39
N LEU A 695 -16.89 0.76 13.51
CA LEU A 695 -16.06 1.08 14.66
C LEU A 695 -15.04 2.13 14.28
N VAL A 696 -15.02 3.23 15.03
CA VAL A 696 -13.99 4.26 14.93
C VAL A 696 -13.25 4.30 16.26
N ILE A 697 -11.94 4.07 16.21
CA ILE A 697 -11.13 3.98 17.41
C ILE A 697 -9.79 4.66 17.14
N SER A 698 -9.28 5.35 18.16
CA SER A 698 -8.00 6.03 18.08
C SER A 698 -6.86 5.09 18.46
N GLY A 699 -5.65 5.48 18.08
CA GLY A 699 -4.49 4.67 18.39
C GLY A 699 -4.20 4.56 19.86
N ASP A 700 -4.44 5.63 20.62
CA ASP A 700 -4.24 5.62 22.06
C ASP A 700 -5.17 4.62 22.75
N SER A 701 -6.45 4.60 22.36
CA SER A 701 -7.37 3.61 22.92
C SER A 701 -7.09 2.21 22.40
N LEU A 702 -6.54 2.10 21.18
CA LEU A 702 -6.25 0.80 20.60
C LEU A 702 -5.09 0.10 21.31
N GLU A 703 -4.12 0.87 21.80
CA GLU A 703 -3.00 0.29 22.52
C GLU A 703 -3.46 -0.41 23.79
N VAL A 704 -4.39 0.22 24.52
CA VAL A 704 -4.91 -0.39 25.74
C VAL A 704 -5.72 -1.64 25.41
N CYS A 705 -6.56 -1.56 24.37
CA CYS A 705 -7.42 -2.68 24.03
C CYS A 705 -6.63 -3.89 23.56
N LEU A 706 -5.59 -3.68 22.75
CA LEU A 706 -4.76 -4.78 22.28
C LEU A 706 -3.86 -5.35 23.37
N LYS A 707 -3.62 -4.59 24.43
CA LYS A 707 -2.76 -5.07 25.50
C LYS A 707 -3.46 -6.11 26.36
N TYR A 708 -4.74 -5.91 26.64
CA TYR A 708 -5.46 -6.74 27.60
C TYR A 708 -6.49 -7.66 26.95
N TYR A 709 -7.07 -7.26 25.83
CA TYR A 709 -8.19 -7.97 25.22
C TYR A 709 -7.92 -8.14 23.72
N GLU A 710 -6.72 -8.63 23.39
CA GLU A 710 -6.34 -8.80 22.00
C GLU A 710 -7.29 -9.75 21.26
N TYR A 711 -7.66 -10.86 21.90
CA TYR A 711 -8.60 -11.80 21.28
C TYR A 711 -10.01 -11.20 21.23
N GLU A 712 -10.44 -10.57 22.32
CA GLU A 712 -11.79 -10.02 22.39
C GLU A 712 -11.97 -8.90 21.36
N PHE A 713 -10.99 -8.01 21.26
CA PHE A 713 -11.09 -6.91 20.31
C PHE A 713 -11.09 -7.41 18.87
N MET A 714 -10.22 -8.37 18.57
CA MET A 714 -10.06 -8.82 17.18
C MET A 714 -11.31 -9.53 16.68
N GLU A 715 -11.99 -10.29 17.54
CA GLU A 715 -13.20 -10.98 17.10
C GLU A 715 -14.34 -10.00 16.86
N LEU A 716 -14.42 -8.94 17.66
CA LEU A 716 -15.48 -7.95 17.50
C LEU A 716 -15.27 -7.09 16.26
N ALA A 717 -14.03 -6.81 15.88
CA ALA A 717 -13.74 -5.98 14.71
C ALA A 717 -13.87 -6.73 13.41
N CYS A 718 -13.81 -8.07 13.42
CA CYS A 718 -13.92 -8.85 12.20
C CYS A 718 -15.35 -9.08 11.77
N GLN A 719 -16.32 -8.87 12.67
CA GLN A 719 -17.73 -8.90 12.30
C GLN A 719 -18.25 -7.52 11.89
N CYS A 720 -17.46 -6.47 12.06
CA CYS A 720 -17.84 -5.12 11.71
C CYS A 720 -17.93 -4.97 10.19
N PRO A 721 -18.83 -4.11 9.71
CA PRO A 721 -18.82 -3.76 8.29
C PRO A 721 -17.54 -3.02 7.91
N ALA A 722 -17.20 -1.97 8.66
CA ALA A 722 -15.99 -1.20 8.41
C ALA A 722 -15.34 -0.84 9.74
N VAL A 723 -14.02 -0.67 9.70
CA VAL A 723 -13.23 -0.29 10.87
C VAL A 723 -12.33 0.87 10.45
N VAL A 724 -12.34 1.94 11.25
CA VAL A 724 -11.51 3.12 11.00
C VAL A 724 -10.61 3.30 12.21
N CYS A 725 -9.29 3.27 11.99
CA CYS A 725 -8.31 3.53 13.03
C CYS A 725 -7.60 4.84 12.70
N CYS A 726 -7.67 5.80 13.62
CA CYS A 726 -7.09 7.12 13.43
C CYS A 726 -5.93 7.33 14.39
N ARG A 727 -5.01 8.22 13.98
CA ARG A 727 -3.80 8.52 14.74
C ARG A 727 -3.02 7.25 15.07
N CYS A 728 -2.72 6.48 14.03
CA CYS A 728 -2.05 5.19 14.15
C CYS A 728 -0.57 5.38 13.88
N ALA A 729 0.27 4.93 14.82
CA ALA A 729 1.70 4.93 14.63
C ALA A 729 2.10 3.89 13.59
N PRO A 730 3.24 4.06 12.93
CA PRO A 730 3.67 3.07 11.92
C PRO A 730 3.78 1.65 12.45
N THR A 731 4.16 1.47 13.71
CA THR A 731 4.22 0.14 14.29
C THR A 731 2.84 -0.41 14.61
N GLN A 732 1.87 0.46 14.91
CA GLN A 732 0.52 -0.02 15.18
C GLN A 732 -0.16 -0.53 13.91
N LYS A 733 0.10 0.11 12.77
CA LYS A 733 -0.44 -0.37 11.51
C LYS A 733 0.08 -1.76 11.18
N ALA A 734 1.38 -2.00 11.37
CA ALA A 734 1.93 -3.32 11.12
C ALA A 734 1.46 -4.33 12.15
N GLN A 735 1.14 -3.89 13.36
CA GLN A 735 0.63 -4.79 14.38
C GLN A 735 -0.78 -5.27 14.03
N ILE A 736 -1.62 -4.38 13.48
CA ILE A 736 -2.97 -4.76 13.10
C ILE A 736 -2.94 -5.77 11.95
N VAL A 737 -2.02 -5.56 10.99
CA VAL A 737 -1.88 -6.50 9.88
C VAL A 737 -1.47 -7.88 10.38
N ARG A 738 -0.54 -7.92 11.33
CA ARG A 738 -0.05 -9.20 11.84
C ARG A 738 -1.13 -9.95 12.62
N LEU A 739 -1.95 -9.25 13.41
CA LEU A 739 -3.01 -9.92 14.15
C LEU A 739 -4.13 -10.42 13.27
N LEU A 740 -4.41 -9.74 12.14
CA LEU A 740 -5.40 -10.23 11.21
C LEU A 740 -4.97 -11.54 10.55
N GLN A 741 -3.66 -11.69 10.29
CA GLN A 741 -3.16 -12.92 9.69
C GLN A 741 -3.20 -14.07 10.70
N GLU A 742 -2.87 -13.81 11.96
CA GLU A 742 -2.83 -14.87 12.96
C GLU A 742 -4.22 -15.30 13.39
N ARG A 743 -5.12 -14.34 13.58
CA ARG A 743 -6.44 -14.63 14.13
C ARG A 743 -7.44 -15.12 13.09
N THR A 744 -7.18 -14.91 11.80
CA THR A 744 -8.10 -15.33 10.76
C THR A 744 -7.52 -16.36 9.81
N GLY A 745 -6.20 -16.40 9.63
CA GLY A 745 -5.61 -17.32 8.67
C GLY A 745 -5.98 -17.03 7.23
N LYS A 746 -6.07 -15.76 6.86
CA LYS A 746 -6.41 -15.35 5.51
C LYS A 746 -5.45 -14.25 5.05
N LEU A 747 -5.34 -14.09 3.74
CA LEU A 747 -4.39 -13.15 3.15
C LEU A 747 -4.88 -11.72 3.31
N THR A 748 -3.94 -10.80 3.50
CA THR A 748 -4.22 -9.39 3.68
C THR A 748 -3.45 -8.58 2.66
N CYS A 749 -4.00 -7.42 2.29
CA CYS A 749 -3.35 -6.48 1.39
C CYS A 749 -3.28 -5.12 2.06
N ALA A 750 -2.17 -4.42 1.85
CA ALA A 750 -1.95 -3.10 2.44
C ALA A 750 -1.63 -2.11 1.34
N VAL A 751 -2.36 -1.01 1.29
CA VAL A 751 -2.17 0.04 0.29
C VAL A 751 -1.82 1.34 1.00
N GLY A 752 -0.75 1.98 0.55
CA GLY A 752 -0.31 3.23 1.14
C GLY A 752 0.52 4.03 0.16
N ASP A 753 0.86 5.25 0.57
CA ASP A 753 1.64 6.15 -0.28
C ASP A 753 2.80 6.83 0.43
N GLY A 754 2.81 6.87 1.76
CA GLY A 754 3.83 7.58 2.50
C GLY A 754 4.81 6.64 3.18
N GLY A 755 5.82 7.25 3.80
CA GLY A 755 6.84 6.51 4.52
C GLY A 755 6.35 5.85 5.79
N ASN A 756 5.19 6.28 6.32
CA ASN A 756 4.62 5.66 7.51
C ASN A 756 3.82 4.40 7.20
N ASP A 757 3.63 4.08 5.92
CA ASP A 757 2.93 2.87 5.51
C ASP A 757 3.88 1.77 5.05
N VAL A 758 5.20 2.01 5.10
CA VAL A 758 6.15 1.01 4.65
C VAL A 758 6.15 -0.19 5.57
N SER A 759 6.02 0.04 6.88
CA SER A 759 6.05 -1.05 7.85
C SER A 759 4.89 -2.02 7.63
N MET A 760 3.69 -1.50 7.35
CA MET A 760 2.54 -2.37 7.18
C MET A 760 2.49 -2.97 5.78
N ILE A 761 3.10 -2.32 4.78
CA ILE A 761 3.20 -2.91 3.46
C ILE A 761 4.15 -4.10 3.47
N GLN A 762 5.25 -3.98 4.21
CA GLN A 762 6.21 -5.08 4.29
C GLN A 762 5.66 -6.26 5.08
N GLU A 763 4.82 -6.00 6.09
CA GLU A 763 4.23 -7.06 6.89
C GLU A 763 3.13 -7.82 6.15
N SER A 764 2.39 -7.16 5.28
CA SER A 764 1.24 -7.78 4.63
C SER A 764 1.69 -8.82 3.60
N ASP A 765 0.75 -9.70 3.25
CA ASP A 765 1.04 -10.73 2.26
C ASP A 765 1.17 -10.17 0.85
N CYS A 766 0.46 -9.09 0.55
CA CYS A 766 0.55 -8.41 -0.74
C CYS A 766 0.59 -6.92 -0.48
N GLY A 767 1.73 -6.30 -0.76
CA GLY A 767 1.93 -4.88 -0.51
C GLY A 767 1.84 -4.07 -1.79
N VAL A 768 0.89 -3.15 -1.83
CA VAL A 768 0.69 -2.25 -2.96
C VAL A 768 1.03 -0.84 -2.48
N GLY A 769 1.93 -0.17 -3.19
CA GLY A 769 2.34 1.18 -2.87
C GLY A 769 1.91 2.15 -3.95
N VAL A 770 1.21 3.20 -3.53
CA VAL A 770 0.78 4.27 -4.42
C VAL A 770 1.87 5.33 -4.46
N GLU A 771 2.19 5.80 -5.66
CA GLU A 771 3.26 6.77 -5.82
C GLU A 771 2.80 8.14 -5.33
N GLY A 772 3.42 8.62 -4.25
CA GLY A 772 3.03 9.89 -3.68
C GLY A 772 3.50 11.08 -4.50
N LYS A 773 2.91 12.23 -4.21
CA LYS A 773 3.26 13.45 -4.92
C LYS A 773 4.58 14.04 -4.46
N GLU A 774 4.91 13.89 -3.17
CA GLU A 774 6.15 14.44 -2.61
C GLU A 774 7.03 13.35 -1.99
N GLY A 775 6.79 12.09 -2.32
CA GLY A 775 7.60 11.01 -1.79
C GLY A 775 7.38 9.71 -2.54
N LYS A 776 8.37 8.82 -2.52
CA LYS A 776 8.30 7.57 -3.26
C LYS A 776 8.68 6.37 -2.39
N GLN A 777 8.73 6.56 -1.07
CA GLN A 777 9.24 5.52 -0.19
C GLN A 777 8.31 4.30 -0.17
N ALA A 778 7.00 4.51 -0.13
CA ALA A 778 6.07 3.37 -0.12
C ALA A 778 6.09 2.64 -1.46
N SER A 779 6.20 3.38 -2.56
CA SER A 779 6.24 2.75 -3.88
C SER A 779 7.53 1.95 -4.07
N LEU A 780 8.63 2.41 -3.48
CA LEU A 780 9.91 1.71 -3.62
C LEU A 780 9.98 0.43 -2.80
N ALA A 781 9.14 0.28 -1.78
CA ALA A 781 9.21 -0.85 -0.87
C ALA A 781 8.08 -1.86 -1.06
N ALA A 782 7.23 -1.69 -2.06
CA ALA A 782 6.05 -2.52 -2.24
C ALA A 782 6.28 -3.58 -3.30
N ASP A 783 5.47 -4.65 -3.24
CA ASP A 783 5.51 -5.66 -4.28
C ASP A 783 4.96 -5.14 -5.60
N PHE A 784 3.91 -4.34 -5.55
CA PHE A 784 3.31 -3.73 -6.74
C PHE A 784 3.18 -2.24 -6.50
N SER A 785 3.47 -1.45 -7.53
CA SER A 785 3.38 0.00 -7.46
C SER A 785 2.39 0.48 -8.51
N ILE A 786 1.40 1.26 -8.08
CA ILE A 786 0.40 1.83 -8.96
C ILE A 786 0.40 3.34 -8.78
N THR A 787 -0.06 4.05 -9.82
CA THR A 787 -0.10 5.50 -9.81
C THR A 787 -1.42 6.06 -9.32
N GLN A 788 -2.49 5.27 -9.32
CA GLN A 788 -3.79 5.75 -8.88
C GLN A 788 -4.49 4.66 -8.09
N PHE A 789 -5.36 5.07 -7.17
CA PHE A 789 -6.08 4.10 -6.35
C PHE A 789 -7.10 3.30 -7.17
N LYS A 790 -7.65 3.91 -8.22
CA LYS A 790 -8.64 3.23 -9.05
C LYS A 790 -8.05 2.08 -9.85
N HIS A 791 -6.73 2.00 -9.99
CA HIS A 791 -6.09 0.88 -10.65
C HIS A 791 -6.10 -0.38 -9.81
N LEU A 792 -6.49 -0.29 -8.54
CA LEU A 792 -6.53 -1.45 -7.66
C LEU A 792 -7.63 -2.43 -8.07
N GLY A 793 -8.74 -1.93 -8.58
CA GLY A 793 -9.85 -2.82 -8.93
C GLY A 793 -9.49 -3.78 -10.05
N ARG A 794 -8.85 -3.26 -11.10
CA ARG A 794 -8.48 -4.12 -12.23
C ARG A 794 -7.30 -5.02 -11.90
N LEU A 795 -6.42 -4.58 -10.99
CA LEU A 795 -5.29 -5.41 -10.59
C LEU A 795 -5.72 -6.64 -9.82
N LEU A 796 -6.92 -6.62 -9.21
CA LEU A 796 -7.41 -7.74 -8.43
C LEU A 796 -8.39 -8.62 -9.19
N MET A 797 -9.41 -8.05 -9.82
CA MET A 797 -10.45 -8.85 -10.47
C MET A 797 -10.05 -9.39 -11.83
N VAL A 798 -9.03 -8.82 -12.47
CA VAL A 798 -8.58 -9.27 -13.79
C VAL A 798 -7.23 -9.95 -13.71
N HIS A 799 -6.19 -9.21 -13.32
CA HIS A 799 -4.84 -9.77 -13.36
C HIS A 799 -4.61 -10.77 -12.24
N GLY A 800 -5.10 -10.47 -11.04
CA GLY A 800 -4.98 -11.39 -9.93
C GLY A 800 -5.76 -12.67 -10.10
N ARG A 801 -6.98 -12.54 -10.64
CA ARG A 801 -7.82 -13.72 -10.84
C ARG A 801 -7.27 -14.62 -11.95
N ASN A 802 -6.81 -14.03 -13.04
CA ASN A 802 -6.25 -14.82 -14.14
C ASN A 802 -4.99 -15.55 -13.72
N SER A 803 -4.10 -14.86 -12.98
CA SER A 803 -2.86 -15.48 -12.55
C SER A 803 -3.12 -16.68 -11.64
N TYR A 804 -4.07 -16.54 -10.71
CA TYR A 804 -4.39 -17.62 -9.80
C TYR A 804 -5.05 -18.79 -10.53
N LYS A 805 -5.93 -18.50 -11.49
CA LYS A 805 -6.61 -19.56 -12.21
C LYS A 805 -5.70 -20.25 -13.22
N ARG A 806 -4.78 -19.52 -13.84
CA ARG A 806 -3.89 -20.12 -14.82
C ARG A 806 -2.83 -21.00 -14.15
N SER A 807 -2.32 -20.57 -12.99
CA SER A 807 -1.33 -21.36 -12.28
C SER A 807 -1.92 -22.67 -11.78
N ALA A 808 -3.17 -22.64 -11.32
CA ALA A 808 -3.82 -23.85 -10.81
C ALA A 808 -4.05 -24.88 -11.91
N ALA A 809 -4.49 -24.43 -13.09
CA ALA A 809 -4.71 -25.36 -14.18
C ALA A 809 -3.41 -25.90 -14.74
N LEU A 810 -2.40 -25.04 -14.88
CA LEU A 810 -1.12 -25.46 -15.44
C LEU A 810 -0.38 -26.42 -14.52
N SER A 811 -0.40 -26.18 -13.21
CA SER A 811 0.31 -27.05 -12.28
C SER A 811 -0.36 -28.42 -12.19
N GLN A 812 -1.69 -28.46 -12.23
CA GLN A 812 -2.39 -29.72 -12.08
C GLN A 812 -2.37 -30.56 -13.36
N PHE A 813 -2.01 -29.96 -14.50
CA PHE A 813 -1.88 -30.74 -15.72
C PHE A 813 -0.50 -31.37 -15.84
N VAL A 814 0.54 -30.67 -15.36
CA VAL A 814 1.88 -31.24 -15.36
C VAL A 814 1.94 -32.43 -14.41
N ILE A 815 1.29 -32.32 -13.25
CA ILE A 815 1.25 -33.44 -12.31
C ILE A 815 0.47 -34.60 -12.90
N HIS A 816 -0.64 -34.33 -13.57
CA HIS A 816 -1.42 -35.39 -14.20
C HIS A 816 -0.62 -36.09 -15.29
N ARG A 817 0.13 -35.33 -16.08
CA ARG A 817 0.93 -35.92 -17.15
C ARG A 817 2.03 -36.82 -16.60
N SER A 818 2.67 -36.43 -15.51
CA SER A 818 3.73 -37.25 -14.93
C SER A 818 3.18 -38.48 -14.22
N LEU A 819 1.99 -38.38 -13.64
CA LEU A 819 1.36 -39.51 -12.98
C LEU A 819 0.81 -40.53 -13.96
N CYS A 820 0.39 -40.10 -15.16
CA CYS A 820 -0.03 -41.03 -16.19
C CYS A 820 1.13 -41.83 -16.74
N ILE A 821 2.31 -41.19 -16.85
CA ILE A 821 3.50 -41.90 -17.31
C ILE A 821 3.98 -42.89 -16.27
N SER A 822 3.97 -42.52 -14.98
CA SER A 822 4.39 -43.43 -13.94
C SER A 822 3.49 -44.66 -13.87
N THR A 823 2.18 -44.46 -14.04
CA THR A 823 1.26 -45.59 -14.06
C THR A 823 1.52 -46.49 -15.26
N MET A 824 1.81 -45.90 -16.42
CA MET A 824 2.12 -46.68 -17.61
C MET A 824 3.41 -47.49 -17.47
N GLN A 825 4.44 -46.92 -16.85
CA GLN A 825 5.73 -47.58 -16.72
C GLN A 825 5.80 -48.48 -15.50
N ALA A 826 4.71 -48.57 -14.73
CA ALA A 826 4.56 -49.59 -13.70
C ALA A 826 3.84 -50.84 -14.20
N VAL A 827 2.91 -50.69 -15.15
CA VAL A 827 2.35 -51.86 -15.82
C VAL A 827 3.38 -52.50 -16.74
N PHE A 828 4.16 -51.68 -17.44
CA PHE A 828 5.21 -52.17 -18.32
C PHE A 828 6.29 -52.94 -17.57
N SER A 829 6.60 -52.54 -16.33
CA SER A 829 7.68 -53.15 -15.57
C SER A 829 7.26 -54.43 -14.88
N SER A 830 5.97 -54.73 -14.80
CA SER A 830 5.52 -55.94 -14.14
C SER A 830 4.78 -56.88 -15.08
N VAL A 831 3.76 -56.37 -15.79
CA VAL A 831 2.86 -57.22 -16.56
C VAL A 831 3.49 -57.59 -17.89
N PHE A 832 4.71 -57.13 -18.14
CA PHE A 832 5.34 -57.39 -19.44
C PHE A 832 6.55 -58.31 -19.32
N TYR A 833 7.51 -57.95 -18.45
CA TYR A 833 8.70 -58.76 -18.25
C TYR A 833 8.99 -59.12 -16.80
N PHE A 834 8.72 -58.23 -15.85
CA PHE A 834 9.01 -58.35 -14.43
C PHE A 834 10.51 -58.23 -14.15
N ALA A 835 11.33 -58.34 -15.20
CA ALA A 835 12.77 -58.11 -15.13
C ALA A 835 13.38 -58.14 -16.53
N SER A 836 14.15 -57.12 -16.89
CA SER A 836 14.96 -57.14 -18.11
C SER A 836 15.78 -55.87 -18.20
N VAL A 837 16.89 -55.96 -18.92
CA VAL A 837 17.77 -54.83 -19.20
C VAL A 837 17.19 -53.97 -20.33
N PRO A 838 16.66 -54.54 -21.42
CA PRO A 838 16.03 -53.68 -22.44
C PRO A 838 14.85 -52.88 -21.93
N LEU A 839 14.26 -53.27 -20.80
CA LEU A 839 13.12 -52.53 -20.26
C LEU A 839 13.52 -51.09 -19.92
N TYR A 840 14.70 -50.90 -19.35
CA TYR A 840 15.13 -49.56 -18.95
C TYR A 840 15.29 -48.64 -20.15
N GLN A 841 15.58 -49.20 -21.33
CA GLN A 841 15.60 -48.38 -22.54
C GLN A 841 14.20 -47.90 -22.89
N GLY A 842 13.20 -48.79 -22.79
CA GLY A 842 11.82 -48.38 -22.99
C GLY A 842 11.26 -47.60 -21.82
N PHE A 843 11.86 -47.77 -20.64
CA PHE A 843 11.46 -46.98 -19.47
C PHE A 843 11.69 -45.50 -19.71
N LEU A 844 12.75 -45.15 -20.43
CA LEU A 844 13.04 -43.75 -20.73
C LEU A 844 12.34 -43.25 -21.98
N ILE A 845 12.00 -44.15 -22.91
CA ILE A 845 11.28 -43.74 -24.12
C ILE A 845 9.90 -43.22 -23.75
N ILE A 846 9.21 -43.91 -22.84
CA ILE A 846 7.89 -43.46 -22.41
C ILE A 846 7.98 -42.11 -21.72
N GLY A 847 9.00 -41.91 -20.88
CA GLY A 847 9.20 -40.64 -20.22
C GLY A 847 9.62 -39.51 -21.15
N TYR A 848 10.11 -39.84 -22.34
CA TYR A 848 10.51 -38.85 -23.33
C TYR A 848 9.35 -38.33 -24.15
N SER A 849 8.13 -38.83 -23.90
CA SER A 849 6.94 -38.42 -24.62
C SER A 849 6.50 -37.00 -24.28
N THR A 850 7.06 -36.39 -23.25
CA THR A 850 6.69 -35.04 -22.84
C THR A 850 7.31 -33.97 -23.73
N ILE A 851 8.15 -34.36 -24.68
CA ILE A 851 8.72 -33.40 -25.62
C ILE A 851 7.67 -32.89 -26.61
N TYR A 852 6.77 -33.76 -27.07
CA TYR A 852 5.76 -33.39 -28.05
C TYR A 852 4.53 -32.75 -27.42
N THR A 853 4.49 -32.64 -26.09
CA THR A 853 3.49 -31.83 -25.40
C THR A 853 4.10 -30.64 -24.68
N MET A 854 5.34 -30.28 -25.03
CA MET A 854 6.03 -29.20 -24.32
C MET A 854 5.32 -27.87 -24.50
N PHE A 855 4.96 -27.54 -25.74
CA PHE A 855 4.36 -26.25 -26.07
C PHE A 855 2.86 -26.18 -25.78
N PRO A 856 2.04 -27.17 -26.19
CA PRO A 856 0.59 -27.02 -25.97
C PRO A 856 0.19 -26.90 -24.51
N VAL A 857 0.87 -27.60 -23.59
CA VAL A 857 0.54 -27.45 -22.18
C VAL A 857 0.92 -26.09 -21.63
N PHE A 858 2.03 -25.51 -22.07
CA PHE A 858 2.38 -24.16 -21.65
C PHE A 858 1.42 -23.10 -22.18
N SER A 859 0.66 -23.40 -23.23
CA SER A 859 -0.32 -22.47 -23.76
C SER A 859 -1.54 -22.31 -22.88
N LEU A 860 -1.54 -22.94 -21.69
CA LEU A 860 -2.60 -22.75 -20.72
C LEU A 860 -2.50 -21.42 -19.99
N VAL A 861 -1.36 -20.72 -20.11
CA VAL A 861 -1.24 -19.36 -19.59
C VAL A 861 -1.99 -18.35 -20.44
N LEU A 862 -2.48 -18.75 -21.61
CA LEU A 862 -3.23 -17.90 -22.51
C LEU A 862 -4.73 -18.01 -22.31
N ASP A 863 -5.17 -18.81 -21.34
CA ASP A 863 -6.58 -19.15 -21.20
C ASP A 863 -7.31 -18.16 -20.31
N LYS A 864 -8.59 -17.93 -20.63
CA LYS A 864 -9.46 -17.07 -19.84
C LYS A 864 -10.83 -17.75 -19.71
N ASP A 865 -11.49 -17.52 -18.58
CA ASP A 865 -12.86 -18.00 -18.43
C ASP A 865 -13.86 -16.95 -18.90
N VAL A 866 -13.67 -15.70 -18.48
CA VAL A 866 -14.52 -14.59 -18.91
C VAL A 866 -13.65 -13.49 -19.49
N LYS A 867 -14.28 -12.40 -19.93
CA LYS A 867 -13.56 -11.27 -20.47
C LYS A 867 -13.28 -10.25 -19.37
N SER A 868 -12.32 -9.36 -19.65
CA SER A 868 -11.94 -8.36 -18.67
C SER A 868 -13.09 -7.40 -18.34
N GLU A 869 -13.98 -7.15 -19.28
CA GLU A 869 -15.15 -6.30 -19.05
C GLU A 869 -16.26 -7.04 -18.31
N VAL A 870 -16.16 -8.35 -18.16
CA VAL A 870 -17.14 -9.13 -17.42
C VAL A 870 -16.73 -9.34 -15.97
N ALA A 871 -15.45 -9.59 -15.71
CA ALA A 871 -14.97 -9.72 -14.33
C ALA A 871 -15.08 -8.40 -13.58
N MET A 872 -14.96 -7.27 -14.28
CA MET A 872 -15.14 -5.97 -13.65
C MET A 872 -16.60 -5.67 -13.36
N LEU A 873 -17.51 -6.10 -14.24
CA LEU A 873 -18.93 -5.82 -14.06
C LEU A 873 -19.57 -6.70 -13.00
N TYR A 874 -19.03 -7.90 -12.77
CA TYR A 874 -19.60 -8.87 -11.82
C TYR A 874 -18.53 -9.22 -10.80
N PRO A 875 -18.40 -8.44 -9.72
CA PRO A 875 -17.40 -8.76 -8.69
C PRO A 875 -17.67 -10.05 -7.94
N GLU A 876 -18.88 -10.61 -8.01
CA GLU A 876 -19.19 -11.84 -7.31
C GLU A 876 -18.45 -13.05 -7.87
N LEU A 877 -17.86 -12.93 -9.06
CA LEU A 877 -16.98 -13.99 -9.56
C LEU A 877 -15.72 -14.13 -8.73
N TYR A 878 -15.33 -13.08 -8.02
CA TYR A 878 -14.12 -13.09 -7.20
C TYR A 878 -14.29 -13.87 -5.91
N LYS A 879 -15.50 -13.93 -5.34
CA LYS A 879 -15.71 -14.66 -4.10
C LYS A 879 -15.57 -16.17 -4.27
N ASP A 880 -15.64 -16.67 -5.51
CA ASP A 880 -15.40 -18.09 -5.76
C ASP A 880 -13.94 -18.46 -5.50
N LEU A 881 -13.01 -17.57 -5.86
CA LEU A 881 -11.60 -17.84 -5.62
C LEU A 881 -11.26 -17.77 -4.14
N LEU A 882 -12.02 -17.01 -3.36
CA LEU A 882 -11.76 -16.89 -1.93
C LEU A 882 -12.02 -18.21 -1.21
N LYS A 883 -12.81 -19.10 -1.82
CA LYS A 883 -13.07 -20.41 -1.25
C LYS A 883 -11.99 -21.44 -1.59
N GLY A 884 -11.03 -21.09 -2.44
CA GLY A 884 -9.99 -22.02 -2.81
C GLY A 884 -10.39 -23.05 -3.84
N ARG A 885 -11.41 -22.77 -4.65
CA ARG A 885 -11.94 -23.70 -5.63
C ARG A 885 -10.93 -24.11 -6.70
N PRO A 886 -10.14 -23.20 -7.29
CA PRO A 886 -9.24 -23.61 -8.38
C PRO A 886 -8.29 -24.75 -8.03
N LEU A 887 -7.75 -24.76 -6.81
CA LEU A 887 -6.86 -25.82 -6.36
C LEU A 887 -7.27 -26.25 -4.96
N SER A 888 -7.74 -27.48 -4.84
CA SER A 888 -8.17 -28.02 -3.55
C SER A 888 -7.86 -29.51 -3.55
N TYR A 889 -8.30 -30.21 -2.52
CA TYR A 889 -8.16 -31.67 -2.46
C TYR A 889 -9.16 -32.39 -3.35
N LYS A 890 -10.30 -31.78 -3.66
CA LYS A 890 -11.24 -32.40 -4.58
C LYS A 890 -10.69 -32.43 -6.00
N THR A 891 -10.18 -31.29 -6.47
CA THR A 891 -9.64 -31.24 -7.82
C THR A 891 -8.41 -32.13 -7.96
N PHE A 892 -7.57 -32.17 -6.93
CA PHE A 892 -6.37 -33.00 -6.96
C PHE A 892 -6.74 -34.48 -7.03
N LEU A 893 -7.74 -34.90 -6.26
CA LEU A 893 -8.14 -36.31 -6.24
C LEU A 893 -8.74 -36.74 -7.57
N ILE A 894 -9.56 -35.88 -8.19
CA ILE A 894 -10.13 -36.21 -9.48
C ILE A 894 -9.04 -36.34 -10.53
N TRP A 895 -8.08 -35.43 -10.52
CA TRP A 895 -6.96 -35.49 -11.45
C TRP A 895 -6.13 -36.76 -11.26
N VAL A 896 -5.95 -37.19 -10.00
CA VAL A 896 -5.21 -38.41 -9.70
C VAL A 896 -5.91 -39.66 -10.22
N LEU A 897 -7.23 -39.75 -10.06
CA LEU A 897 -7.98 -40.90 -10.55
C LEU A 897 -7.99 -41.01 -12.06
N ILE A 898 -8.05 -39.87 -12.76
CA ILE A 898 -8.01 -39.90 -14.22
C ILE A 898 -6.64 -40.35 -14.71
N SER A 899 -5.58 -39.94 -14.02
CA SER A 899 -4.23 -40.33 -14.41
C SER A 899 -4.04 -41.84 -14.34
N ILE A 900 -4.56 -42.46 -13.27
CA ILE A 900 -4.44 -43.90 -13.12
C ILE A 900 -5.27 -44.64 -14.17
N TYR A 901 -6.49 -44.16 -14.43
CA TYR A 901 -7.34 -44.80 -15.41
C TYR A 901 -6.74 -44.71 -16.82
N GLN A 902 -6.22 -43.54 -17.19
CA GLN A 902 -5.68 -43.37 -18.53
C GLN A 902 -4.38 -44.13 -18.74
N GLY A 903 -3.50 -44.13 -17.73
CA GLY A 903 -2.26 -44.88 -17.86
C GLY A 903 -2.49 -46.38 -17.94
N SER A 904 -3.46 -46.88 -17.19
CA SER A 904 -3.76 -48.31 -17.23
C SER A 904 -4.41 -48.70 -18.55
N THR A 905 -5.29 -47.85 -19.07
CA THR A 905 -5.98 -48.16 -20.33
C THR A 905 -5.01 -48.24 -21.49
N ILE A 906 -4.07 -47.28 -21.57
CA ILE A 906 -3.13 -47.25 -22.67
C ILE A 906 -2.21 -48.47 -22.65
N MET A 907 -1.72 -48.83 -21.46
CA MET A 907 -0.76 -49.93 -21.37
C MET A 907 -1.44 -51.28 -21.50
N TYR A 908 -2.53 -51.50 -20.76
CA TYR A 908 -3.23 -52.79 -20.86
C TYR A 908 -3.90 -52.96 -22.22
N GLY A 909 -4.30 -51.87 -22.85
CA GLY A 909 -4.82 -51.96 -24.22
C GLY A 909 -3.73 -52.24 -25.23
N ALA A 910 -2.49 -51.86 -24.92
CA ALA A 910 -1.39 -52.16 -25.82
C ALA A 910 -0.99 -53.63 -25.76
N LEU A 911 -1.04 -54.22 -24.56
CA LEU A 911 -0.69 -55.63 -24.38
C LEU A 911 -1.81 -56.57 -24.79
N LEU A 912 -3.01 -56.06 -25.08
CA LEU A 912 -4.14 -56.89 -25.48
C LEU A 912 -4.39 -56.77 -26.98
N LEU A 913 -4.45 -55.55 -27.51
CA LEU A 913 -4.74 -55.36 -28.93
C LEU A 913 -3.64 -55.92 -29.83
N PHE A 914 -2.37 -55.77 -29.45
CA PHE A 914 -1.28 -56.33 -30.24
C PHE A 914 -0.15 -56.72 -29.27
N GLU A 915 -0.13 -57.98 -28.86
CA GLU A 915 0.96 -58.53 -28.05
C GLU A 915 1.85 -59.37 -28.98
N SER A 916 2.66 -58.67 -29.77
CA SER A 916 3.53 -59.33 -30.75
C SER A 916 5.00 -59.20 -30.38
N GLU A 917 5.48 -57.97 -30.16
CA GLU A 917 6.88 -57.76 -29.86
C GLU A 917 7.03 -56.45 -29.09
N PHE A 918 8.20 -56.29 -28.45
CA PHE A 918 8.44 -55.12 -27.63
C PHE A 918 8.43 -53.84 -28.47
N VAL A 919 9.05 -53.89 -29.66
CA VAL A 919 9.07 -52.73 -30.54
C VAL A 919 7.68 -52.36 -31.01
N HIS A 920 6.82 -53.36 -31.25
CA HIS A 920 5.45 -53.12 -31.69
C HIS A 920 4.54 -52.70 -30.55
N ILE A 921 5.02 -52.72 -29.31
CA ILE A 921 4.22 -52.28 -28.16
C ILE A 921 4.56 -50.86 -27.73
N VAL A 922 5.83 -50.46 -27.75
CA VAL A 922 6.21 -49.08 -27.50
C VAL A 922 5.87 -48.16 -28.67
N ALA A 923 5.36 -48.72 -29.77
CA ALA A 923 4.89 -47.93 -30.90
C ALA A 923 3.43 -47.55 -30.80
N ILE A 924 2.60 -48.39 -30.19
CA ILE A 924 1.19 -48.05 -29.99
C ILE A 924 0.99 -47.21 -28.74
N SER A 925 1.64 -47.57 -27.62
CA SER A 925 1.49 -46.85 -26.37
C SER A 925 2.08 -45.45 -26.40
N PHE A 926 3.23 -45.28 -27.08
CA PHE A 926 3.81 -43.94 -27.20
C PHE A 926 2.97 -43.05 -28.10
N THR A 927 2.35 -43.61 -29.14
CA THR A 927 1.47 -42.84 -30.00
C THR A 927 0.16 -42.51 -29.30
N SER A 928 -0.44 -43.50 -28.63
CA SER A 928 -1.71 -43.31 -27.95
C SER A 928 -1.62 -42.36 -26.78
N LEU A 929 -0.41 -42.09 -26.27
CA LEU A 929 -0.24 -41.16 -25.15
C LEU A 929 -0.07 -39.72 -25.60
N ILE A 930 0.58 -39.49 -26.75
CA ILE A 930 0.69 -38.14 -27.28
C ILE A 930 -0.68 -37.62 -27.72
N LEU A 931 -1.43 -38.44 -28.43
CA LEU A 931 -2.76 -38.04 -28.88
C LEU A 931 -3.69 -37.82 -27.69
N THR A 932 -3.58 -38.67 -26.67
CA THR A 932 -4.41 -38.52 -25.48
C THR A 932 -4.13 -37.21 -24.76
N GLU A 933 -2.85 -36.85 -24.61
CA GLU A 933 -2.52 -35.60 -23.93
C GLU A 933 -2.90 -34.39 -24.77
N LEU A 934 -2.74 -34.46 -26.09
CA LEU A 934 -3.17 -33.36 -26.94
C LEU A 934 -4.67 -33.16 -26.88
N LEU A 935 -5.44 -34.25 -26.82
CA LEU A 935 -6.89 -34.14 -26.69
C LEU A 935 -7.32 -33.67 -25.31
N MET A 936 -6.53 -33.95 -24.27
CA MET A 936 -6.85 -33.47 -22.93
C MET A 936 -6.66 -31.97 -22.80
N VAL A 937 -5.65 -31.41 -23.48
CA VAL A 937 -5.44 -29.96 -23.45
C VAL A 937 -6.61 -29.25 -24.11
N ALA A 938 -7.06 -29.77 -25.25
CA ALA A 938 -8.21 -29.16 -25.94
C ALA A 938 -9.47 -29.24 -25.10
N LEU A 939 -9.58 -30.24 -24.24
CA LEU A 939 -10.74 -30.36 -23.35
C LEU A 939 -10.71 -29.29 -22.26
N THR A 940 -9.52 -29.00 -21.73
CA THR A 940 -9.42 -28.11 -20.58
C THR A 940 -9.63 -26.65 -20.96
N ILE A 941 -9.30 -26.28 -22.19
CA ILE A 941 -9.29 -24.89 -22.62
C ILE A 941 -10.73 -24.38 -22.65
N GLN A 942 -10.98 -23.23 -22.01
CA GLN A 942 -12.31 -22.63 -22.05
C GLN A 942 -12.44 -21.67 -23.23
N THR A 943 -11.57 -20.66 -23.29
CA THR A 943 -11.55 -19.71 -24.39
C THR A 943 -10.34 -19.99 -25.26
N TRP A 944 -10.56 -20.09 -26.57
CA TRP A 944 -9.51 -20.47 -27.50
C TRP A 944 -8.78 -19.25 -28.04
N HIS A 945 -7.45 -19.32 -28.03
CA HIS A 945 -6.58 -18.30 -28.59
C HIS A 945 -5.92 -18.87 -29.84
N TRP A 946 -5.49 -17.99 -30.74
CA TRP A 946 -4.93 -18.47 -32.00
C TRP A 946 -3.55 -19.10 -31.81
N LEU A 947 -2.84 -18.75 -30.74
CA LEU A 947 -1.58 -19.42 -30.45
C LEU A 947 -1.78 -20.82 -29.89
N MET A 948 -2.92 -21.07 -29.24
CA MET A 948 -3.25 -22.43 -28.82
C MET A 948 -3.44 -23.36 -30.00
N THR A 949 -3.91 -22.85 -31.14
CA THR A 949 -4.13 -23.65 -32.33
C THR A 949 -2.82 -24.06 -33.00
N VAL A 950 -1.88 -23.14 -33.16
CA VAL A 950 -0.62 -23.48 -33.81
C VAL A 950 0.22 -24.38 -32.89
N ALA A 951 0.04 -24.25 -31.57
CA ALA A 951 0.79 -25.09 -30.64
C ALA A 951 0.36 -26.54 -30.74
N GLU A 952 -0.94 -26.80 -30.83
CA GLU A 952 -1.43 -28.17 -30.92
C GLU A 952 -1.18 -28.77 -32.31
N LEU A 953 -1.15 -27.94 -33.35
CA LEU A 953 -0.93 -28.43 -34.70
C LEU A 953 0.54 -28.55 -35.07
N LEU A 954 1.42 -27.76 -34.46
CA LEU A 954 2.84 -27.94 -34.69
C LEU A 954 3.39 -29.19 -34.00
N SER A 955 2.88 -29.52 -32.81
CA SER A 955 3.29 -30.72 -32.11
C SER A 955 2.85 -32.00 -32.82
N LEU A 956 1.69 -31.98 -33.47
CA LEU A 956 1.29 -33.09 -34.32
C LEU A 956 2.23 -33.23 -35.51
N ALA A 957 2.67 -32.11 -36.08
CA ALA A 957 3.53 -32.15 -37.25
C ALA A 957 4.90 -32.74 -36.93
N CYS A 958 5.54 -32.24 -35.87
CA CYS A 958 6.86 -32.76 -35.52
C CYS A 958 6.83 -34.18 -35.00
N TYR A 959 5.66 -34.71 -34.65
CA TYR A 959 5.54 -36.12 -34.29
C TYR A 959 5.36 -37.00 -35.52
N ILE A 960 4.56 -36.56 -36.49
CA ILE A 960 4.44 -37.27 -37.75
C ILE A 960 5.78 -37.23 -38.50
N ALA A 961 6.44 -36.08 -38.48
CA ALA A 961 7.75 -35.95 -39.11
C ALA A 961 8.78 -36.86 -38.44
N SER A 962 8.78 -36.89 -37.10
CA SER A 962 9.68 -37.77 -36.38
C SER A 962 9.33 -39.24 -36.55
N LEU A 963 8.11 -39.55 -36.97
CA LEU A 963 7.70 -40.91 -37.29
C LEU A 963 7.96 -41.26 -38.76
N VAL A 964 8.61 -40.35 -39.49
CA VAL A 964 8.90 -40.56 -40.91
C VAL A 964 10.40 -40.67 -41.09
N PHE A 965 11.16 -39.78 -40.45
CA PHE A 965 12.62 -39.84 -40.52
C PHE A 965 13.12 -41.14 -39.91
N LEU A 966 12.59 -41.51 -38.74
CA LEU A 966 12.96 -42.79 -38.14
C LEU A 966 12.36 -43.96 -38.90
N HIS A 967 11.28 -43.72 -39.64
CA HIS A 967 10.63 -44.78 -40.41
C HIS A 967 11.55 -45.32 -41.51
N GLU A 968 12.27 -44.43 -42.19
CA GLU A 968 13.17 -44.88 -43.25
C GLU A 968 14.43 -45.51 -42.69
N PHE A 969 14.99 -44.92 -41.64
CA PHE A 969 16.24 -45.42 -41.06
C PHE A 969 16.01 -46.71 -40.28
N ILE A 970 15.14 -46.66 -39.29
CA ILE A 970 14.80 -47.85 -38.51
C ILE A 970 13.67 -48.59 -39.21
N ASP A 971 13.81 -49.90 -39.36
CA ASP A 971 12.83 -50.70 -40.07
C ASP A 971 11.56 -50.82 -39.24
N VAL A 972 10.70 -49.80 -39.32
CA VAL A 972 9.53 -49.71 -38.46
C VAL A 972 8.29 -49.50 -39.32
N TYR A 973 8.29 -50.07 -40.53
CA TYR A 973 7.15 -49.99 -41.44
C TYR A 973 5.83 -50.39 -40.82
N PHE A 974 5.86 -51.05 -39.65
CA PHE A 974 4.62 -51.39 -38.94
C PHE A 974 3.79 -50.17 -38.59
N ILE A 975 4.45 -49.00 -38.48
CA ILE A 975 3.71 -47.77 -38.16
C ILE A 975 2.76 -47.41 -39.29
N ALA A 976 3.26 -47.43 -40.53
CA ALA A 976 2.51 -46.91 -41.67
C ALA A 976 1.71 -48.04 -42.31
N THR A 977 0.58 -48.38 -41.70
CA THR A 977 -0.35 -49.34 -42.30
C THR A 977 -1.76 -49.00 -41.83
N LEU A 978 -2.69 -49.93 -42.03
CA LEU A 978 -4.05 -49.79 -41.53
C LEU A 978 -4.30 -50.55 -40.23
N SER A 979 -3.57 -51.64 -39.98
CA SER A 979 -3.69 -52.33 -38.70
C SER A 979 -3.27 -51.43 -37.54
N PHE A 980 -2.18 -50.69 -37.72
CA PHE A 980 -1.72 -49.77 -36.68
C PHE A 980 -2.73 -48.66 -36.42
N LEU A 981 -3.52 -48.31 -37.44
CA LEU A 981 -4.40 -47.15 -37.32
C LEU A 981 -5.54 -47.39 -36.34
N TRP A 982 -6.20 -48.55 -36.42
CA TRP A 982 -7.43 -48.74 -35.65
C TRP A 982 -7.13 -49.02 -34.19
N LYS A 983 -6.03 -49.73 -33.90
CA LYS A 983 -5.68 -50.02 -32.51
C LYS A 983 -5.33 -48.74 -31.75
N VAL A 984 -4.57 -47.84 -32.39
CA VAL A 984 -4.24 -46.57 -31.75
C VAL A 984 -5.48 -45.72 -31.58
N SER A 985 -6.36 -45.73 -32.59
CA SER A 985 -7.60 -44.96 -32.49
C SER A 985 -8.51 -45.49 -31.40
N VAL A 986 -8.60 -46.82 -31.27
CA VAL A 986 -9.48 -47.40 -30.25
C VAL A 986 -9.00 -47.06 -28.85
N ILE A 987 -7.69 -47.17 -28.61
CA ILE A 987 -7.15 -46.91 -27.29
C ILE A 987 -7.38 -45.46 -26.87
N THR A 988 -7.15 -44.53 -27.79
CA THR A 988 -7.36 -43.11 -27.49
C THR A 988 -8.83 -42.83 -27.20
N LEU A 989 -9.73 -43.46 -27.94
CA LEU A 989 -11.16 -43.25 -27.74
C LEU A 989 -11.59 -43.75 -26.36
N VAL A 990 -11.09 -44.92 -25.94
CA VAL A 990 -11.46 -45.44 -24.63
C VAL A 990 -10.89 -44.56 -23.52
N SER A 991 -9.74 -43.93 -23.74
CA SER A 991 -9.11 -43.10 -22.73
C SER A 991 -9.79 -41.76 -22.57
N CYS A 992 -9.97 -41.02 -23.67
CA CYS A 992 -10.37 -39.62 -23.60
C CYS A 992 -11.88 -39.46 -23.56
N LEU A 993 -12.60 -40.18 -24.41
CA LEU A 993 -14.04 -39.96 -24.57
C LEU A 993 -14.85 -40.07 -23.28
N PRO A 994 -14.61 -41.04 -22.38
CA PRO A 994 -15.35 -41.04 -21.11
C PRO A 994 -15.19 -39.77 -20.31
N LEU A 995 -14.04 -39.09 -20.42
CA LEU A 995 -13.83 -37.80 -19.80
C LEU A 995 -14.24 -36.65 -20.71
N TYR A 996 -14.57 -36.95 -21.97
CA TYR A 996 -15.12 -35.97 -22.90
C TYR A 996 -16.63 -35.90 -22.80
N VAL A 997 -17.27 -36.88 -22.18
CA VAL A 997 -18.71 -36.87 -21.99
C VAL A 997 -19.10 -36.34 -20.60
N LEU A 998 -18.31 -36.62 -19.57
CA LEU A 998 -18.60 -36.11 -18.24
C LEU A 998 -18.57 -34.59 -18.19
N LYS A 999 -17.63 -33.97 -18.90
CA LYS A 999 -17.60 -32.51 -18.96
C LYS A 999 -18.86 -31.96 -19.63
N TYR A 1000 -19.31 -32.61 -20.70
CA TYR A 1000 -20.54 -32.20 -21.36
C TYR A 1000 -21.73 -32.29 -20.41
N LEU A 1001 -21.79 -33.38 -19.62
CA LEU A 1001 -22.84 -33.51 -18.62
C LEU A 1001 -22.68 -32.50 -17.48
N ARG A 1002 -21.45 -32.10 -17.18
CA ARG A 1002 -21.24 -31.13 -16.10
C ARG A 1002 -21.85 -29.77 -16.44
N ARG A 1003 -21.75 -29.35 -17.70
CA ARG A 1003 -22.33 -28.08 -18.11
C ARG A 1003 -23.84 -28.07 -17.93
N ARG A 1004 -24.49 -29.18 -18.25
CA ARG A 1004 -25.94 -29.23 -18.16
C ARG A 1004 -26.41 -29.24 -16.72
N PHE A 1005 -26.00 -30.24 -15.94
CA PHE A 1005 -26.46 -30.39 -14.57
C PHE A 1005 -25.95 -29.29 -13.65
N SER A 1006 -24.65 -29.00 -13.70
CA SER A 1006 -24.07 -28.02 -12.80
C SER A 1006 -23.30 -26.96 -13.57
N PRO A 1007 -23.97 -25.99 -14.16
CA PRO A 1007 -23.28 -24.94 -14.91
C PRO A 1007 -22.49 -24.04 -13.98
N PRO A 1008 -21.40 -23.45 -14.45
CA PRO A 1008 -20.66 -22.47 -13.65
C PRO A 1008 -21.23 -21.07 -13.79
N SER A 1009 -21.03 -20.28 -12.74
CA SER A 1009 -21.60 -18.93 -12.70
C SER A 1009 -21.05 -18.03 -13.79
N TYR A 1010 -19.81 -18.26 -14.23
CA TYR A 1010 -19.24 -17.41 -15.28
C TYR A 1010 -19.84 -17.75 -16.65
N SER A 1011 -20.48 -18.91 -16.78
CA SER A 1011 -21.11 -19.28 -18.04
C SER A 1011 -22.44 -18.56 -18.27
N LYS A 1012 -23.07 -18.05 -17.22
CA LYS A 1012 -24.32 -17.33 -17.36
C LYS A 1012 -24.09 -15.82 -17.43
#